data_4F36
#
_entry.id   4F36
#
_cell.length_a   52.460
_cell.length_b   123.670
_cell.length_c   145.360
_cell.angle_alpha   90.000
_cell.angle_beta   90.000
_cell.angle_gamma   90.000
#
_symmetry.space_group_name_H-M   'P 21 21 21'
#
loop_
_entity.id
_entity.type
_entity.pdbx_description
1 polymer 'Nucleoside diphosphate kinase'
2 non-polymer 'THIOCYANATE ION'
3 water water
#
_entity_poly.entity_id   1
_entity_poly.type   'polypeptide(L)'
_entity_poly.pdbx_seq_one_letter_code
;GPGSMPSERTFIAVKPDGVQRNLVGEIIKRFENKGYKLVGLKLLQPTEEQAKQHYIDLASKPFYSGLVSYFSSGPIVGMV
WEGLGVVKGGRVLLGATNPADSLPGTIRGDFAVDVGRNVCHGSDSVESAKREIAFWFKAEELVSWTSHSVKQIYERA
;
_entity_poly.pdbx_strand_id   A,C,B,D,E,F
#
# COMPACT_ATOMS: atom_id res chain seq x y z
N SER A 7 19.97 24.18 7.19
CA SER A 7 19.42 22.94 7.81
C SER A 7 20.18 21.63 7.34
N GLU A 8 20.26 20.67 8.25
CA GLU A 8 21.01 19.44 8.01
C GLU A 8 20.62 18.67 6.72
N ARG A 9 21.63 18.09 6.07
CA ARG A 9 21.46 17.37 4.84
C ARG A 9 22.21 16.05 4.85
N THR A 10 21.67 15.04 4.17
CA THR A 10 22.34 13.76 4.07
C THR A 10 22.25 13.19 2.65
N PHE A 11 23.15 12.26 2.35
CA PHE A 11 23.18 11.61 1.04
C PHE A 11 22.57 10.25 1.19
N ILE A 12 21.53 9.98 0.39
CA ILE A 12 20.91 8.66 0.31
C ILE A 12 21.04 8.15 -1.13
N ALA A 13 21.39 6.88 -1.25
CA ALA A 13 21.54 6.28 -2.58
C ALA A 13 20.66 5.02 -2.63
N VAL A 14 20.04 4.78 -3.78
CA VAL A 14 19.57 3.46 -4.13
C VAL A 14 20.68 2.80 -4.93
N LYS A 15 21.27 1.74 -4.38
CA LYS A 15 22.37 1.05 -5.04
C LYS A 15 21.83 0.29 -6.27
N PRO A 16 22.72 -0.29 -7.08
CA PRO A 16 22.24 -0.87 -8.33
C PRO A 16 21.25 -2.03 -8.17
N ASP A 17 21.41 -2.83 -7.11
CA ASP A 17 20.41 -3.88 -6.81
C ASP A 17 19.03 -3.27 -6.51
N GLY A 18 19.04 -2.13 -5.80
CA GLY A 18 17.79 -1.43 -5.50
C GLY A 18 17.11 -0.89 -6.73
N VAL A 19 17.89 -0.34 -7.67
CA VAL A 19 17.32 0.18 -8.92
C VAL A 19 16.81 -1.01 -9.78
N GLN A 20 17.61 -2.07 -9.88
CA GLN A 20 17.23 -3.25 -10.62
C GLN A 20 15.95 -3.90 -10.08
N ARG A 21 15.78 -3.83 -8.75
CA ARG A 21 14.62 -4.47 -8.13
C ARG A 21 13.47 -3.49 -7.92
N ASN A 22 13.51 -2.35 -8.62
CA ASN A 22 12.36 -1.43 -8.68
C ASN A 22 11.96 -0.83 -7.33
N LEU A 23 12.94 -0.40 -6.54
CA LEU A 23 12.69 0.13 -5.22
C LEU A 23 12.93 1.64 -5.14
N VAL A 24 13.10 2.32 -6.28
CA VAL A 24 13.40 3.74 -6.23
C VAL A 24 12.25 4.57 -5.72
N GLY A 25 11.09 4.39 -6.33
CA GLY A 25 9.90 5.08 -5.93
C GLY A 25 9.52 4.81 -4.45
N GLU A 26 9.62 3.54 -4.06
CA GLU A 26 9.30 3.13 -2.71
C GLU A 26 10.20 3.84 -1.73
N ILE A 27 11.48 3.94 -2.03
CA ILE A 27 12.43 4.59 -1.10
C ILE A 27 12.14 6.10 -1.00
N ILE A 28 11.91 6.74 -2.15
CA ILE A 28 11.66 8.16 -2.17
C ILE A 28 10.38 8.48 -1.40
N LYS A 29 9.36 7.63 -1.58
CA LYS A 29 8.08 7.78 -0.91
C LYS A 29 8.20 7.81 0.62
N ARG A 30 9.02 6.93 1.14
CA ARG A 30 9.21 6.85 2.57
C ARG A 30 9.88 8.07 3.18
N PHE A 31 10.81 8.67 2.44
CA PHE A 31 11.44 9.90 2.88
C PHE A 31 10.49 11.09 2.78
N GLU A 32 9.72 11.14 1.70
CA GLU A 32 8.70 12.17 1.53
C GLU A 32 7.65 12.07 2.63
N ASN A 33 7.19 10.85 2.88
CA ASN A 33 6.15 10.65 3.88
C ASN A 33 6.63 11.07 5.25
N LYS A 34 7.90 10.83 5.53
CA LYS A 34 8.48 11.15 6.84
C LYS A 34 8.47 12.66 7.09
N GLY A 35 8.54 13.46 6.03
CA GLY A 35 8.59 14.92 6.17
C GLY A 35 9.89 15.55 5.69
N TYR A 36 10.83 14.73 5.22
CA TYR A 36 12.08 15.19 4.76
C TYR A 36 11.93 15.80 3.39
N LYS A 37 12.86 16.70 3.04
CA LYS A 37 12.73 17.51 1.84
C LYS A 37 13.79 17.12 0.83
N LEU A 38 13.37 16.84 -0.40
CA LEU A 38 14.29 16.43 -1.47
C LEU A 38 14.95 17.67 -2.09
N VAL A 39 16.27 17.76 -2.01
CA VAL A 39 16.98 18.93 -2.55
C VAL A 39 18.02 18.53 -3.59
N GLY A 40 18.20 17.24 -3.81
CA GLY A 40 19.01 16.76 -4.93
C GLY A 40 18.61 15.36 -5.34
N LEU A 41 18.62 15.10 -6.64
CA LEU A 41 18.18 13.82 -7.17
C LEU A 41 18.79 13.62 -8.54
N LYS A 42 19.31 12.43 -8.76
CA LYS A 42 19.98 12.16 -10.01
C LYS A 42 20.14 10.65 -10.20
N LEU A 43 19.84 10.17 -11.40
CA LEU A 43 20.13 8.83 -11.82
C LEU A 43 21.51 8.86 -12.50
N LEU A 44 22.39 7.94 -12.12
CA LEU A 44 23.70 7.83 -12.78
C LEU A 44 24.33 6.43 -12.63
N GLN A 45 25.16 6.08 -13.60
CA GLN A 45 25.97 4.89 -13.52
C GLN A 45 27.34 5.27 -13.06
N PRO A 46 27.71 4.83 -11.85
CA PRO A 46 29.07 5.10 -11.42
C PRO A 46 30.10 4.54 -12.40
N THR A 47 31.17 5.30 -12.62
CA THR A 47 32.26 4.84 -13.44
C THR A 47 33.09 3.89 -12.59
N GLU A 48 33.93 3.08 -13.25
CA GLU A 48 34.88 2.25 -12.51
C GLU A 48 35.70 3.10 -11.56
N GLU A 49 36.12 4.28 -12.04
CA GLU A 49 36.94 5.18 -11.25
C GLU A 49 36.21 5.69 -10.01
N GLN A 50 34.95 6.06 -10.18
CA GLN A 50 34.09 6.45 -9.04
C GLN A 50 33.89 5.29 -8.05
N ALA A 51 33.78 4.08 -8.57
CA ALA A 51 33.65 2.90 -7.71
C ALA A 51 34.98 2.63 -6.97
N LYS A 52 36.12 2.77 -7.65
CA LYS A 52 37.44 2.61 -7.00
C LYS A 52 37.56 3.55 -5.78
N GLN A 53 37.17 4.82 -5.94
CA GLN A 53 37.20 5.78 -4.82
C GLN A 53 36.23 5.43 -3.67
N HIS A 54 35.05 4.92 -4.00
CA HIS A 54 33.99 4.64 -3.00
C HIS A 54 34.33 3.64 -1.89
N PHE A 63 38.22 -8.97 -1.81
CA PHE A 63 36.87 -8.45 -2.11
C PHE A 63 36.79 -7.28 -3.16
N TYR A 64 37.91 -6.63 -3.49
CA TYR A 64 37.87 -5.29 -4.11
C TYR A 64 37.32 -5.24 -5.54
N SER A 65 37.89 -6.05 -6.42
CA SER A 65 37.49 -6.03 -7.83
C SER A 65 36.01 -6.29 -7.93
N GLY A 66 35.49 -7.09 -7.00
CA GLY A 66 34.11 -7.49 -6.98
C GLY A 66 33.11 -6.42 -6.58
N LEU A 67 33.41 -5.71 -5.49
CA LEU A 67 32.59 -4.58 -5.03
C LEU A 67 32.61 -3.44 -6.08
N VAL A 68 33.80 -3.18 -6.63
CA VAL A 68 33.97 -2.14 -7.68
C VAL A 68 33.12 -2.48 -8.91
N SER A 69 33.22 -3.72 -9.35
CA SER A 69 32.53 -4.14 -10.54
C SER A 69 31.01 -4.02 -10.36
N TYR A 70 30.47 -4.48 -9.22
CA TYR A 70 29.00 -4.41 -8.97
C TYR A 70 28.50 -2.98 -8.92
N PHE A 71 29.28 -2.13 -8.29
CA PHE A 71 28.87 -0.76 -8.07
C PHE A 71 28.91 0.06 -9.35
N SER A 72 29.78 -0.30 -10.28
CA SER A 72 29.86 0.37 -11.59
C SER A 72 29.12 -0.40 -12.73
N SER A 73 28.30 -1.38 -12.37
CA SER A 73 27.66 -2.28 -13.36
C SER A 73 26.35 -1.72 -13.90
N GLY A 74 25.79 -0.75 -13.21
CA GLY A 74 24.49 -0.23 -13.57
C GLY A 74 24.21 1.02 -12.80
N PRO A 75 23.07 1.67 -13.08
CA PRO A 75 22.76 2.88 -12.42
C PRO A 75 22.45 2.77 -10.91
N ILE A 76 22.74 3.86 -10.20
CA ILE A 76 22.25 4.12 -8.85
C ILE A 76 21.40 5.41 -8.91
N VAL A 77 20.62 5.67 -7.88
CA VAL A 77 19.91 6.95 -7.75
C VAL A 77 20.47 7.64 -6.55
N GLY A 78 21.10 8.78 -6.78
CA GLY A 78 21.68 9.57 -5.73
C GLY A 78 20.68 10.62 -5.31
N MET A 79 20.60 10.86 -4.01
CA MET A 79 19.63 11.82 -3.46
C MET A 79 20.29 12.66 -2.36
N VAL A 80 19.84 13.90 -2.23
CA VAL A 80 20.16 14.68 -1.05
C VAL A 80 18.84 15.03 -0.37
N TRP A 81 18.75 14.75 0.95
CA TRP A 81 17.57 15.06 1.75
C TRP A 81 17.90 16.01 2.87
N GLU A 82 16.96 16.89 3.15
CA GLU A 82 17.14 17.92 4.15
C GLU A 82 16.08 17.80 5.23
N GLY A 83 16.48 18.00 6.47
CA GLY A 83 15.55 18.04 7.59
C GLY A 83 16.26 17.93 8.91
N LEU A 84 15.53 18.24 9.99
CA LEU A 84 16.09 18.11 11.33
C LEU A 84 16.49 16.67 11.54
N GLY A 85 17.73 16.43 11.93
CA GLY A 85 18.22 15.10 12.27
C GLY A 85 18.17 14.11 11.13
N VAL A 86 18.20 14.62 9.89
CA VAL A 86 18.01 13.77 8.71
C VAL A 86 19.12 12.76 8.48
N VAL A 87 20.35 13.03 8.92
CA VAL A 87 21.43 12.04 8.78
C VAL A 87 21.08 10.77 9.55
N LYS A 88 20.84 10.92 10.86
CA LYS A 88 20.46 9.74 11.70
C LYS A 88 19.10 9.21 11.27
N GLY A 89 18.14 10.10 11.07
CA GLY A 89 16.75 9.71 10.73
C GLY A 89 16.67 8.92 9.43
N GLY A 90 17.45 9.35 8.43
CA GLY A 90 17.49 8.68 7.15
C GLY A 90 17.98 7.27 7.32
N ARG A 91 19.00 7.11 8.14
CA ARG A 91 19.52 5.77 8.44
C ARG A 91 18.51 4.92 9.17
N VAL A 92 17.76 5.50 10.09
CA VAL A 92 16.72 4.74 10.75
C VAL A 92 15.68 4.25 9.70
N LEU A 93 15.36 5.07 8.70
CA LEU A 93 14.37 4.67 7.68
C LEU A 93 14.93 3.51 6.82
N LEU A 94 16.25 3.52 6.59
CA LEU A 94 16.88 2.49 5.81
C LEU A 94 16.94 1.18 6.57
N GLY A 95 17.08 1.27 7.88
CA GLY A 95 17.21 0.07 8.74
C GLY A 95 18.68 -0.28 8.94
N ALA A 96 18.96 -1.28 9.80
CA ALA A 96 20.39 -1.69 10.04
C ALA A 96 21.04 -2.02 8.72
N THR A 97 22.32 -1.70 8.64
CA THR A 97 23.14 -1.90 7.46
C THR A 97 23.10 -3.34 7.01
N ASN A 98 23.19 -4.26 7.97
CA ASN A 98 23.13 -5.69 7.71
C ASN A 98 21.70 -6.16 7.76
N PRO A 99 21.15 -6.61 6.61
CA PRO A 99 19.70 -6.91 6.58
C PRO A 99 19.27 -7.98 7.56
N ALA A 100 20.18 -8.86 7.97
CA ALA A 100 19.88 -9.80 9.05
C ALA A 100 19.40 -9.07 10.31
N ASP A 101 19.94 -7.88 10.58
CA ASP A 101 19.56 -7.10 11.76
C ASP A 101 18.44 -6.10 11.52
N SER A 102 18.04 -5.91 10.27
CA SER A 102 17.03 -4.88 9.96
C SER A 102 15.63 -5.32 10.37
N LEU A 103 14.84 -4.38 10.87
CA LEU A 103 13.52 -4.69 11.35
C LEU A 103 12.50 -4.40 10.24
N PRO A 104 11.46 -5.23 10.16
CA PRO A 104 10.34 -4.86 9.27
C PRO A 104 9.81 -3.45 9.54
N GLY A 105 9.35 -2.81 8.48
CA GLY A 105 9.05 -1.40 8.49
C GLY A 105 10.18 -0.54 7.96
N THR A 106 11.41 -1.02 8.00
CA THR A 106 12.50 -0.31 7.36
C THR A 106 12.69 -0.82 5.94
N ILE A 107 13.42 -0.05 5.13
CA ILE A 107 13.67 -0.42 3.74
C ILE A 107 14.40 -1.76 3.66
N ARG A 108 15.50 -1.90 4.37
CA ARG A 108 16.20 -3.18 4.36
C ARG A 108 15.47 -4.30 5.06
N GLY A 109 14.75 -3.98 6.13
CA GLY A 109 13.99 -5.02 6.83
C GLY A 109 12.90 -5.59 5.94
N ASP A 110 12.33 -4.74 5.08
CA ASP A 110 11.25 -5.15 4.19
C ASP A 110 11.79 -5.83 2.93
N PHE A 111 12.96 -5.40 2.44
CA PHE A 111 13.33 -5.68 1.04
C PHE A 111 14.67 -6.36 0.82
N ALA A 112 15.52 -6.49 1.83
CA ALA A 112 16.88 -7.03 1.60
C ALA A 112 17.16 -8.24 2.47
N VAL A 113 18.03 -9.11 1.93
CA VAL A 113 18.50 -10.30 2.63
C VAL A 113 20.00 -10.31 2.94
N ASP A 114 20.79 -9.84 2.00
CA ASP A 114 22.24 -10.06 2.02
C ASP A 114 22.95 -8.71 2.19
N VAL A 115 23.89 -8.63 3.13
CA VAL A 115 24.59 -7.37 3.41
C VAL A 115 25.27 -6.84 2.15
N GLY A 116 25.76 -7.73 1.28
CA GLY A 116 26.37 -7.30 0.00
C GLY A 116 25.37 -6.82 -1.07
N ARG A 117 24.08 -7.00 -0.83
CA ARG A 117 23.05 -6.53 -1.74
C ARG A 117 21.95 -5.90 -0.88
N ASN A 118 22.33 -4.83 -0.21
CA ASN A 118 21.50 -4.21 0.83
C ASN A 118 20.79 -2.95 0.35
N VAL A 119 20.66 -2.84 -0.98
CA VAL A 119 19.64 -2.05 -1.64
C VAL A 119 19.90 -0.54 -1.62
N CYS A 120 20.51 -0.03 -0.55
CA CYS A 120 20.61 1.39 -0.39
C CYS A 120 21.79 1.79 0.48
N HIS A 121 22.00 3.10 0.57
CA HIS A 121 22.99 3.69 1.47
C HIS A 121 22.56 5.04 1.97
N GLY A 122 22.95 5.33 3.20
CA GLY A 122 22.78 6.65 3.79
C GLY A 122 24.06 7.06 4.54
N SER A 123 24.40 8.34 4.46
CA SER A 123 25.61 8.83 5.10
C SER A 123 25.55 8.48 6.59
N ASP A 124 26.71 8.15 7.16
CA ASP A 124 26.74 7.67 8.53
C ASP A 124 27.05 8.78 9.55
N SER A 125 27.34 9.98 9.07
CA SER A 125 27.56 11.11 9.96
C SER A 125 27.42 12.43 9.22
N VAL A 126 27.43 13.51 9.95
CA VAL A 126 27.30 14.83 9.36
C VAL A 126 28.48 15.11 8.41
N GLU A 127 29.68 14.82 8.89
CA GLU A 127 30.93 15.07 8.12
C GLU A 127 30.97 14.22 6.86
N SER A 128 30.57 12.97 6.99
CA SER A 128 30.59 12.08 5.88
C SER A 128 29.46 12.42 4.89
N ALA A 129 28.34 12.93 5.39
CA ALA A 129 27.28 13.44 4.52
C ALA A 129 27.80 14.58 3.65
N LYS A 130 28.47 15.55 4.27
CA LYS A 130 29.01 16.67 3.51
C LYS A 130 29.96 16.18 2.40
N ARG A 131 30.80 15.21 2.74
CA ARG A 131 31.73 14.66 1.75
C ARG A 131 31.01 13.94 0.61
N GLU A 132 30.00 13.15 0.95
CA GLU A 132 29.31 12.31 -0.02
C GLU A 132 28.48 13.16 -0.96
N ILE A 133 27.79 14.15 -0.40
CA ILE A 133 27.04 15.12 -1.18
C ILE A 133 27.97 15.81 -2.19
N ALA A 134 29.10 16.30 -1.71
CA ALA A 134 30.04 17.01 -2.55
C ALA A 134 30.61 16.10 -3.64
N PHE A 135 30.80 14.83 -3.32
CA PHE A 135 31.38 13.87 -4.24
C PHE A 135 30.43 13.57 -5.40
N TRP A 136 29.14 13.43 -5.11
CA TRP A 136 28.16 12.99 -6.12
C TRP A 136 27.45 14.14 -6.80
N PHE A 137 27.39 15.29 -6.15
CA PHE A 137 26.62 16.42 -6.68
C PHE A 137 27.47 17.67 -6.80
N LYS A 138 27.35 18.35 -7.93
CA LYS A 138 27.92 19.67 -8.09
C LYS A 138 26.95 20.61 -7.39
N ALA A 139 27.48 21.66 -6.78
CA ALA A 139 26.67 22.63 -6.04
C ALA A 139 25.42 23.07 -6.82
N GLU A 140 25.61 23.33 -8.12
CA GLU A 140 24.57 23.85 -8.96
C GLU A 140 23.44 22.83 -9.16
N GLU A 141 23.67 21.58 -8.80
CA GLU A 141 22.64 20.56 -8.96
C GLU A 141 21.70 20.45 -7.77
N LEU A 142 22.00 21.10 -6.67
CA LEU A 142 21.14 21.04 -5.50
C LEU A 142 20.15 22.19 -5.59
N VAL A 143 18.90 21.97 -5.20
CA VAL A 143 17.88 23.00 -5.27
C VAL A 143 17.42 23.39 -3.88
N SER A 144 17.54 24.67 -3.55
CA SER A 144 17.04 25.20 -2.29
C SER A 144 15.62 25.71 -2.49
N TRP A 145 14.69 25.17 -1.71
CA TRP A 145 13.30 25.59 -1.75
C TRP A 145 12.69 25.35 -0.41
N THR A 146 11.50 25.90 -0.23
CA THR A 146 10.75 25.81 1.01
C THR A 146 9.51 25.02 0.76
N SER A 147 9.30 23.99 1.58
CA SER A 147 8.09 23.20 1.54
C SER A 147 6.95 24.02 2.09
N HIS A 148 5.82 23.99 1.41
CA HIS A 148 4.61 24.63 1.88
C HIS A 148 4.11 24.01 3.16
N SER A 149 4.69 22.89 3.57
CA SER A 149 4.27 22.18 4.81
C SER A 149 5.25 22.35 5.98
N VAL A 150 6.21 23.25 5.84
CA VAL A 150 7.25 23.41 6.87
C VAL A 150 6.66 23.74 8.24
N LYS A 151 5.62 24.57 8.31
CA LYS A 151 5.05 24.99 9.62
C LYS A 151 4.19 23.83 10.22
N GLN A 152 3.84 22.86 9.38
CA GLN A 152 3.07 21.69 9.85
C GLN A 152 4.00 20.59 10.34
N ILE A 153 5.24 20.59 9.86
CA ILE A 153 6.22 19.57 10.21
C ILE A 153 7.09 20.04 11.40
N TYR A 154 7.43 21.32 11.45
CA TYR A 154 8.31 21.86 12.49
C TYR A 154 7.60 22.94 13.30
N GLU A 155 7.74 22.84 14.59
CA GLU A 155 7.42 23.94 15.47
C GLU A 155 8.49 24.98 15.33
N SER B 7 12.47 0.23 -27.38
CA SER B 7 13.51 1.27 -26.97
C SER B 7 12.89 2.67 -27.04
N GLU B 8 11.60 2.75 -27.35
CA GLU B 8 10.85 4.01 -27.21
C GLU B 8 11.07 4.66 -25.84
N ARG B 9 11.11 5.99 -25.83
CA ARG B 9 11.32 6.76 -24.63
C ARG B 9 10.34 7.90 -24.53
N THR B 10 9.96 8.25 -23.30
CA THR B 10 9.11 9.41 -23.04
C THR B 10 9.63 10.25 -21.88
N PHE B 11 9.20 11.50 -21.86
CA PHE B 11 9.53 12.42 -20.80
C PHE B 11 8.33 12.55 -19.87
N ILE B 12 8.56 12.30 -18.58
CA ILE B 12 7.57 12.48 -17.55
C ILE B 12 8.12 13.48 -16.52
N ALA B 13 7.27 14.41 -16.10
CA ALA B 13 7.64 15.41 -15.11
C ALA B 13 6.66 15.40 -13.94
N VAL B 14 7.18 15.55 -12.73
CA VAL B 14 6.35 15.94 -11.57
C VAL B 14 6.46 17.44 -11.50
N LYS B 15 5.34 18.13 -11.73
CA LYS B 15 5.32 19.56 -11.74
C LYS B 15 5.50 20.04 -10.28
N PRO B 16 5.67 21.36 -10.08
CA PRO B 16 5.99 21.85 -8.76
C PRO B 16 4.96 21.52 -7.70
N ASP B 17 3.67 21.52 -8.07
CA ASP B 17 2.62 21.12 -7.12
C ASP B 17 2.83 19.67 -6.69
N GLY B 18 3.20 18.83 -7.65
CA GLY B 18 3.43 17.40 -7.38
C GLY B 18 4.59 17.16 -6.43
N VAL B 19 5.67 17.93 -6.59
CA VAL B 19 6.80 17.86 -5.68
C VAL B 19 6.42 18.40 -4.30
N GLN B 20 5.75 19.54 -4.27
CA GLN B 20 5.30 20.13 -3.02
C GLN B 20 4.36 19.17 -2.25
N ARG B 21 3.53 18.43 -2.97
CA ARG B 21 2.55 17.57 -2.35
C ARG B 21 3.08 16.16 -2.15
N ASN B 22 4.42 15.96 -2.27
CA ASN B 22 5.06 14.66 -1.94
C ASN B 22 4.56 13.49 -2.77
N LEU B 23 4.47 13.68 -4.09
CA LEU B 23 4.01 12.64 -4.97
C LEU B 23 5.11 12.09 -5.86
N VAL B 24 6.36 12.46 -5.61
CA VAL B 24 7.44 12.00 -6.49
C VAL B 24 7.62 10.48 -6.44
N GLY B 25 7.82 9.95 -5.24
CA GLY B 25 8.00 8.54 -5.07
C GLY B 25 6.82 7.77 -5.64
N GLU B 26 5.61 8.24 -5.35
CA GLU B 26 4.41 7.53 -5.77
C GLU B 26 4.37 7.43 -7.27
N ILE B 27 4.75 8.50 -7.96
CA ILE B 27 4.69 8.53 -9.42
C ILE B 27 5.76 7.59 -10.00
N ILE B 28 6.95 7.65 -9.44
CA ILE B 28 8.03 6.77 -9.88
C ILE B 28 7.64 5.27 -9.71
N LYS B 29 7.09 4.96 -8.55
CA LYS B 29 6.66 3.60 -8.22
C LYS B 29 5.71 3.00 -9.26
N ARG B 30 4.77 3.80 -9.71
CA ARG B 30 3.82 3.31 -10.65
C ARG B 30 4.43 2.95 -11.99
N PHE B 31 5.41 3.72 -12.42
CA PHE B 31 6.10 3.47 -13.67
C PHE B 31 7.00 2.23 -13.52
N GLU B 32 7.68 2.13 -12.38
CA GLU B 32 8.47 0.94 -12.06
C GLU B 32 7.62 -0.31 -12.01
N ASN B 33 6.49 -0.23 -11.34
CA ASN B 33 5.61 -1.39 -11.21
C ASN B 33 5.11 -1.87 -12.56
N LYS B 34 4.85 -0.92 -13.44
CA LYS B 34 4.32 -1.22 -14.74
C LYS B 34 5.33 -2.05 -15.57
N GLY B 35 6.63 -1.87 -15.30
CA GLY B 35 7.66 -2.54 -16.08
C GLY B 35 8.50 -1.62 -16.95
N TYR B 36 8.27 -0.32 -16.87
CA TYR B 36 9.03 0.62 -17.62
C TYR B 36 10.39 0.85 -16.94
N LYS B 37 11.38 1.29 -17.73
CA LYS B 37 12.74 1.39 -17.27
C LYS B 37 13.17 2.84 -17.17
N LEU B 38 13.71 3.20 -16.00
CA LEU B 38 14.13 4.60 -15.73
C LEU B 38 15.53 4.83 -16.30
N VAL B 39 15.65 5.75 -17.27
CA VAL B 39 16.95 6.01 -17.94
C VAL B 39 17.41 7.44 -17.72
N GLY B 40 16.56 8.26 -17.11
CA GLY B 40 16.95 9.62 -16.75
C GLY B 40 16.12 10.14 -15.61
N LEU B 41 16.75 10.87 -14.69
CA LEU B 41 16.08 11.35 -13.47
C LEU B 41 16.82 12.52 -12.88
N LYS B 42 16.11 13.59 -12.58
CA LYS B 42 16.77 14.81 -12.18
C LYS B 42 15.77 15.74 -11.49
N LEU B 43 16.19 16.31 -10.37
CA LEU B 43 15.46 17.39 -9.70
C LEU B 43 16.03 18.72 -10.18
N LEU B 44 15.16 19.64 -10.60
CA LEU B 44 15.59 20.98 -11.04
C LEU B 44 14.50 22.04 -10.94
N GLN B 45 14.92 23.29 -10.81
CA GLN B 45 14.02 24.43 -10.85
C GLN B 45 14.07 25.06 -12.23
N PRO B 46 13.00 24.93 -13.01
CA PRO B 46 12.97 25.66 -14.28
C PRO B 46 13.22 27.14 -14.15
N THR B 47 13.94 27.70 -15.13
CA THR B 47 14.13 29.15 -15.23
C THR B 47 12.86 29.75 -15.82
N GLU B 48 12.68 31.06 -15.66
CA GLU B 48 11.56 31.75 -16.31
C GLU B 48 11.57 31.48 -17.83
N GLU B 49 12.76 31.51 -18.42
CA GLU B 49 12.91 31.32 -19.85
C GLU B 49 12.48 29.90 -20.25
N GLN B 50 12.89 28.92 -19.44
CA GLN B 50 12.49 27.53 -19.69
C GLN B 50 10.98 27.34 -19.57
N ALA B 51 10.37 28.06 -18.63
CA ALA B 51 8.93 27.95 -18.47
C ALA B 51 8.22 28.63 -19.66
N LYS B 52 8.72 29.79 -20.11
CA LYS B 52 8.12 30.46 -21.27
C LYS B 52 8.05 29.49 -22.47
N GLN B 53 9.14 28.79 -22.77
CA GLN B 53 9.16 27.83 -23.90
C GLN B 53 8.20 26.63 -23.69
N HIS B 54 8.08 26.14 -22.46
CA HIS B 54 7.26 24.94 -22.16
C HIS B 54 5.80 25.05 -22.54
N GLY B 66 1.52 33.73 -15.79
CA GLY B 66 0.87 33.04 -14.70
C GLY B 66 1.28 31.58 -14.62
N LEU B 67 1.13 30.89 -15.76
CA LEU B 67 1.64 29.51 -15.91
C LEU B 67 3.17 29.52 -15.87
N VAL B 68 3.79 30.54 -16.49
CA VAL B 68 5.25 30.74 -16.41
C VAL B 68 5.75 30.89 -14.94
N SER B 69 5.10 31.77 -14.17
CA SER B 69 5.51 32.05 -12.80
C SER B 69 5.44 30.77 -11.92
N TYR B 70 4.34 30.04 -12.03
CA TYR B 70 4.15 28.83 -11.19
C TYR B 70 5.17 27.77 -11.55
N PHE B 71 5.45 27.64 -12.86
CA PHE B 71 6.32 26.59 -13.34
C PHE B 71 7.79 26.84 -12.98
N SER B 72 8.18 28.10 -12.86
CA SER B 72 9.54 28.46 -12.48
C SER B 72 9.68 28.81 -10.96
N SER B 73 8.66 28.49 -10.16
CA SER B 73 8.60 28.94 -8.77
C SER B 73 9.28 27.97 -7.83
N GLY B 74 9.51 26.76 -8.29
CA GLY B 74 10.08 25.72 -7.43
C GLY B 74 10.52 24.56 -8.27
N PRO B 75 11.06 23.52 -7.65
CA PRO B 75 11.55 22.42 -8.37
C PRO B 75 10.48 21.51 -9.01
N ILE B 76 10.86 20.92 -10.14
CA ILE B 76 10.13 19.81 -10.78
C ILE B 76 11.09 18.59 -10.76
N VAL B 77 10.54 17.40 -10.97
CA VAL B 77 11.36 16.23 -11.17
C VAL B 77 11.16 15.79 -12.58
N GLY B 78 12.25 15.79 -13.34
CA GLY B 78 12.21 15.36 -14.73
C GLY B 78 12.66 13.90 -14.82
N MET B 79 11.98 13.13 -15.68
CA MET B 79 12.27 11.73 -15.84
C MET B 79 12.25 11.33 -17.30
N VAL B 80 13.08 10.35 -17.65
CA VAL B 80 12.96 9.70 -18.94
C VAL B 80 12.72 8.21 -18.70
N TRP B 81 11.67 7.67 -19.33
CA TRP B 81 11.31 6.24 -19.21
C TRP B 81 11.37 5.56 -20.53
N GLU B 82 11.79 4.31 -20.51
CA GLU B 82 11.94 3.51 -21.70
C GLU B 82 11.07 2.25 -21.64
N GLY B 83 10.44 1.90 -22.76
CA GLY B 83 9.66 0.69 -22.88
C GLY B 83 8.78 0.69 -24.08
N LEU B 84 8.29 -0.48 -24.44
CA LEU B 84 7.33 -0.60 -25.54
C LEU B 84 6.11 0.29 -25.25
N GLY B 85 5.78 1.15 -26.19
CA GLY B 85 4.57 1.97 -26.12
C GLY B 85 4.56 2.92 -24.92
N VAL B 86 5.76 3.29 -24.42
CA VAL B 86 5.84 4.05 -23.17
C VAL B 86 5.27 5.45 -23.28
N VAL B 87 5.30 6.06 -24.46
CA VAL B 87 4.73 7.41 -24.58
C VAL B 87 3.24 7.36 -24.25
N LYS B 88 2.50 6.52 -24.98
CA LYS B 88 1.08 6.38 -24.73
C LYS B 88 0.80 5.77 -23.36
N GLY B 89 1.48 4.69 -23.06
CA GLY B 89 1.34 3.99 -21.76
C GLY B 89 1.58 4.89 -20.54
N GLY B 90 2.59 5.75 -20.64
CA GLY B 90 2.92 6.67 -19.56
C GLY B 90 1.74 7.62 -19.34
N ARG B 91 1.16 8.11 -20.44
CA ARG B 91 0.00 8.99 -20.32
C ARG B 91 -1.20 8.30 -19.75
N VAL B 92 -1.42 7.03 -20.13
CA VAL B 92 -2.49 6.26 -19.51
C VAL B 92 -2.25 6.16 -17.96
N LEU B 93 -1.01 6.01 -17.51
CA LEU B 93 -0.74 5.95 -16.06
C LEU B 93 -1.03 7.28 -15.37
N LEU B 94 -0.73 8.37 -16.06
CA LEU B 94 -0.95 9.70 -15.50
C LEU B 94 -2.47 9.97 -15.40
N GLY B 95 -3.24 9.48 -16.36
CA GLY B 95 -4.68 9.77 -16.44
C GLY B 95 -4.95 10.98 -17.31
N ALA B 96 -6.22 11.26 -17.60
CA ALA B 96 -6.59 12.43 -18.46
C ALA B 96 -5.97 13.71 -17.93
N THR B 97 -5.58 14.56 -18.86
CA THR B 97 -4.89 15.81 -18.57
C THR B 97 -5.70 16.67 -17.60
N ASN B 98 -7.01 16.75 -17.86
CA ASN B 98 -7.94 17.42 -16.95
C ASN B 98 -8.40 16.46 -15.83
N PRO B 99 -7.99 16.72 -14.58
CA PRO B 99 -8.35 15.81 -13.49
C PRO B 99 -9.84 15.52 -13.34
N ALA B 100 -10.72 16.44 -13.71
CA ALA B 100 -12.15 16.16 -13.69
C ALA B 100 -12.47 14.90 -14.52
N ASP B 101 -11.72 14.67 -15.61
CA ASP B 101 -11.92 13.48 -16.47
C ASP B 101 -11.02 12.27 -16.10
N SER B 102 -10.10 12.44 -15.17
CA SER B 102 -9.21 11.32 -14.77
C SER B 102 -9.91 10.26 -13.94
N LEU B 103 -9.59 9.02 -14.20
CA LEU B 103 -10.25 7.90 -13.51
C LEU B 103 -9.39 7.48 -12.29
N PRO B 104 -10.03 7.06 -11.19
CA PRO B 104 -9.28 6.48 -10.11
C PRO B 104 -8.42 5.33 -10.59
N GLY B 105 -7.27 5.17 -9.93
CA GLY B 105 -6.22 4.28 -10.39
C GLY B 105 -5.13 4.99 -11.19
N THR B 106 -5.44 6.15 -11.77
CA THR B 106 -4.39 6.95 -12.41
C THR B 106 -3.88 7.97 -11.40
N ILE B 107 -2.71 8.51 -11.69
CA ILE B 107 -2.09 9.52 -10.85
C ILE B 107 -3.01 10.74 -10.63
N ARG B 108 -3.48 11.35 -11.71
CA ARG B 108 -4.40 12.48 -11.59
C ARG B 108 -5.77 12.11 -11.04
N GLY B 109 -6.24 10.91 -11.35
CA GLY B 109 -7.53 10.48 -10.82
C GLY B 109 -7.45 10.36 -9.34
N ASP B 110 -6.32 9.91 -8.86
CA ASP B 110 -6.14 9.64 -7.45
C ASP B 110 -5.76 10.91 -6.66
N PHE B 111 -5.05 11.84 -7.31
CA PHE B 111 -4.37 12.89 -6.54
C PHE B 111 -4.66 14.34 -6.93
N ALA B 112 -5.36 14.58 -8.04
CA ALA B 112 -5.50 15.94 -8.55
C ALA B 112 -6.95 16.33 -8.67
N VAL B 113 -7.22 17.63 -8.50
CA VAL B 113 -8.54 18.19 -8.69
C VAL B 113 -8.64 19.21 -9.84
N ASP B 114 -7.63 20.04 -9.98
CA ASP B 114 -7.72 21.24 -10.82
C ASP B 114 -6.77 21.09 -12.00
N VAL B 115 -7.24 21.39 -13.21
CA VAL B 115 -6.40 21.27 -14.41
C VAL B 115 -5.16 22.17 -14.31
N GLY B 116 -5.27 23.32 -13.65
CA GLY B 116 -4.10 24.18 -13.42
C GLY B 116 -3.10 23.69 -12.36
N ARG B 117 -3.47 22.65 -11.61
CA ARG B 117 -2.58 22.02 -10.63
C ARG B 117 -2.71 20.53 -10.78
N ASN B 118 -2.29 20.03 -11.94
CA ASN B 118 -2.54 18.64 -12.32
C ASN B 118 -1.32 17.73 -12.17
N VAL B 119 -0.38 18.19 -11.34
CA VAL B 119 0.56 17.35 -10.66
C VAL B 119 1.73 16.87 -11.52
N CYS B 120 1.47 16.60 -12.81
CA CYS B 120 2.44 15.98 -13.61
C CYS B 120 2.25 16.23 -15.11
N HIS B 121 3.20 15.73 -15.91
CA HIS B 121 3.18 15.84 -17.37
C HIS B 121 3.87 14.71 -18.02
N GLY B 122 3.35 14.31 -19.16
CA GLY B 122 3.94 13.28 -20.00
C GLY B 122 3.88 13.70 -21.46
N SER B 123 4.92 13.35 -22.22
CA SER B 123 4.99 13.71 -23.61
C SER B 123 3.75 13.17 -24.29
N ASP B 124 3.22 13.92 -25.25
CA ASP B 124 1.97 13.49 -25.92
C ASP B 124 2.21 12.68 -27.20
N SER B 125 3.45 12.57 -27.64
CA SER B 125 3.77 11.78 -28.85
C SER B 125 5.25 11.43 -28.89
N VAL B 126 5.62 10.56 -29.81
CA VAL B 126 6.99 10.11 -29.90
C VAL B 126 7.91 11.28 -30.29
N GLU B 127 7.47 12.09 -31.26
CA GLU B 127 8.21 13.27 -31.74
C GLU B 127 8.37 14.31 -30.61
N SER B 128 7.31 14.55 -29.85
CA SER B 128 7.39 15.54 -28.78
C SER B 128 8.19 14.97 -27.59
N ALA B 129 8.14 13.65 -27.38
CA ALA B 129 9.02 13.03 -26.36
C ALA B 129 10.49 13.28 -26.72
N LYS B 130 10.86 13.03 -27.97
CA LYS B 130 12.26 13.28 -28.39
C LYS B 130 12.68 14.71 -28.13
N ARG B 131 11.82 15.66 -28.45
CA ARG B 131 12.10 17.05 -28.22
C ARG B 131 12.20 17.38 -26.74
N GLU B 132 11.29 16.84 -25.92
CA GLU B 132 11.23 17.17 -24.50
C GLU B 132 12.42 16.57 -23.74
N ILE B 133 12.74 15.32 -24.06
CA ILE B 133 13.96 14.65 -23.53
C ILE B 133 15.21 15.46 -23.86
N ALA B 134 15.37 15.87 -25.13
CA ALA B 134 16.54 16.64 -25.54
C ALA B 134 16.58 18.01 -24.85
N PHE B 135 15.42 18.60 -24.61
CA PHE B 135 15.34 19.91 -23.99
C PHE B 135 15.75 19.88 -22.52
N TRP B 136 15.33 18.85 -21.79
CA TRP B 136 15.57 18.79 -20.34
C TRP B 136 16.77 18.00 -19.95
N PHE B 137 17.24 17.11 -20.81
CA PHE B 137 18.40 16.26 -20.48
C PHE B 137 19.51 16.38 -21.51
N LYS B 138 20.75 16.56 -21.01
CA LYS B 138 21.93 16.47 -21.86
C LYS B 138 22.18 14.96 -22.04
N ALA B 139 22.72 14.59 -23.20
CA ALA B 139 22.98 13.21 -23.54
C ALA B 139 23.67 12.40 -22.42
N GLU B 140 24.70 13.01 -21.80
CA GLU B 140 25.48 12.32 -20.79
C GLU B 140 24.70 12.09 -19.52
N GLU B 141 23.54 12.71 -19.39
CA GLU B 141 22.74 12.48 -18.20
C GLU B 141 21.81 11.26 -18.30
N LEU B 142 21.67 10.66 -19.48
CA LEU B 142 20.80 9.49 -19.65
C LEU B 142 21.66 8.25 -19.45
N VAL B 143 21.11 7.22 -18.84
CA VAL B 143 21.85 5.99 -18.60
C VAL B 143 21.23 4.85 -19.39
N SER B 144 22.05 4.19 -20.21
CA SER B 144 21.63 3.00 -20.94
C SER B 144 22.03 1.75 -20.17
N TRP B 145 21.03 0.94 -19.84
CA TRP B 145 21.26 -0.27 -19.09
C TRP B 145 20.16 -1.22 -19.39
N THR B 146 20.36 -2.44 -18.94
CA THR B 146 19.45 -3.52 -19.16
C THR B 146 18.89 -3.98 -17.85
N SER B 147 17.57 -4.02 -17.76
CA SER B 147 16.90 -4.57 -16.59
C SER B 147 17.08 -6.07 -16.57
N HIS B 148 17.42 -6.62 -15.41
CA HIS B 148 17.53 -8.07 -15.26
C HIS B 148 16.18 -8.76 -15.44
N SER B 149 15.10 -7.98 -15.52
CA SER B 149 13.74 -8.52 -15.74
C SER B 149 13.21 -8.41 -17.17
N VAL B 150 14.06 -7.99 -18.10
CA VAL B 150 13.64 -7.73 -19.50
C VAL B 150 12.95 -8.95 -20.13
N LYS B 151 13.44 -10.16 -19.87
CA LYS B 151 12.86 -11.36 -20.51
C LYS B 151 11.50 -11.76 -19.81
N GLN B 152 11.26 -11.22 -18.61
CA GLN B 152 10.03 -11.48 -17.88
C GLN B 152 8.94 -10.47 -18.29
N ILE B 153 9.36 -9.33 -18.79
CA ILE B 153 8.44 -8.27 -19.20
C ILE B 153 8.15 -8.30 -20.70
N TYR B 154 9.13 -8.69 -21.52
CA TYR B 154 8.96 -8.78 -22.97
C TYR B 154 9.20 -10.21 -23.50
N GLU B 155 8.27 -10.68 -24.32
CA GLU B 155 8.41 -11.98 -24.96
C GLU B 155 9.57 -12.02 -25.95
N ARG B 156 9.80 -10.95 -26.72
CA ARG B 156 10.83 -10.99 -27.78
C ARG B 156 12.24 -10.71 -27.26
N ALA B 157 12.36 -10.08 -26.10
CA ALA B 157 13.66 -9.75 -25.50
C ALA B 157 14.63 -10.94 -25.38
N PRO C 6 -15.92 25.09 -5.66
CA PRO C 6 -14.67 24.98 -4.79
C PRO C 6 -14.99 24.85 -3.29
N SER C 7 -15.79 25.79 -2.82
CA SER C 7 -16.51 25.65 -1.57
C SER C 7 -17.72 24.65 -1.67
N GLU C 8 -17.98 24.06 -2.83
CA GLU C 8 -18.92 22.93 -2.94
C GLU C 8 -18.67 21.82 -1.91
N ARG C 9 -19.75 21.19 -1.44
CA ARG C 9 -19.68 20.17 -0.40
C ARG C 9 -20.56 18.99 -0.70
N THR C 10 -20.13 17.80 -0.27
CA THR C 10 -20.93 16.60 -0.47
C THR C 10 -20.96 15.75 0.77
N PHE C 11 -21.97 14.90 0.86
CA PHE C 11 -22.10 13.95 1.96
C PHE C 11 -21.65 12.58 1.48
N ILE C 12 -20.68 11.98 2.20
CA ILE C 12 -20.22 10.62 1.95
C ILE C 12 -20.48 9.80 3.22
N ALA C 13 -20.96 8.58 3.05
CA ALA C 13 -21.21 7.68 4.20
C ALA C 13 -20.53 6.34 3.96
N VAL C 14 -19.94 5.78 5.02
CA VAL C 14 -19.53 4.39 5.00
C VAL C 14 -20.73 3.71 5.63
N LYS C 15 -21.42 2.90 4.85
CA LYS C 15 -22.55 2.16 5.34
C LYS C 15 -22.11 1.07 6.34
N PRO C 16 -23.08 0.39 6.97
CA PRO C 16 -22.69 -0.51 8.06
C PRO C 16 -21.80 -1.67 7.63
N ASP C 17 -22.00 -2.17 6.41
CA ASP C 17 -21.12 -3.23 5.87
C ASP C 17 -19.70 -2.71 5.70
N GLY C 18 -19.59 -1.45 5.27
CA GLY C 18 -18.28 -0.82 5.10
C GLY C 18 -17.53 -0.69 6.43
N VAL C 19 -18.28 -0.33 7.47
CA VAL C 19 -17.69 -0.18 8.80
C VAL C 19 -17.30 -1.57 9.35
N GLN C 20 -18.21 -2.52 9.21
CA GLN C 20 -17.96 -3.88 9.66
C GLN C 20 -16.72 -4.50 8.95
N ARG C 21 -16.53 -4.16 7.68
CA ARG C 21 -15.45 -4.74 6.88
C ARG C 21 -14.20 -3.87 6.90
N ASN C 22 -14.12 -2.92 7.85
CA ASN C 22 -12.89 -2.17 8.11
C ASN C 22 -12.43 -1.35 6.92
N LEU C 23 -13.34 -0.64 6.31
CA LEU C 23 -13.00 0.19 5.16
C LEU C 23 -13.08 1.69 5.44
N VAL C 24 -13.22 2.09 6.70
CA VAL C 24 -13.41 3.51 7.00
C VAL C 24 -12.13 4.25 6.65
N GLY C 25 -11.02 3.79 7.17
CA GLY C 25 -9.76 4.48 6.92
C GLY C 25 -9.44 4.55 5.43
N GLU C 26 -9.62 3.42 4.76
CA GLU C 26 -9.31 3.32 3.35
C GLU C 26 -10.11 4.32 2.55
N ILE C 27 -11.38 4.49 2.87
CA ILE C 27 -12.23 5.45 2.15
C ILE C 27 -11.78 6.90 2.44
N ILE C 28 -11.51 7.22 3.71
CA ILE C 28 -11.09 8.55 4.09
C ILE C 28 -9.76 8.89 3.37
N LYS C 29 -8.86 7.93 3.31
CA LYS C 29 -7.53 8.09 2.69
C LYS C 29 -7.64 8.52 1.23
N ARG C 30 -8.54 7.90 0.51
CA ARG C 30 -8.71 8.19 -0.88
C ARG C 30 -9.19 9.60 -1.12
N PHE C 31 -10.08 10.10 -0.26
CA PHE C 31 -10.59 11.44 -0.38
C PHE C 31 -9.51 12.45 -0.02
N GLU C 32 -8.78 12.18 1.05
CA GLU C 32 -7.63 13.01 1.44
C GLU C 32 -6.58 13.06 0.35
N ASN C 33 -6.26 11.91 -0.23
CA ASN C 33 -5.23 11.84 -1.25
C ASN C 33 -5.64 12.66 -2.47
N LYS C 34 -6.93 12.65 -2.78
CA LYS C 34 -7.45 13.35 -3.96
C LYS C 34 -7.27 14.84 -3.83
N GLY C 35 -7.25 15.34 -2.59
CA GLY C 35 -7.14 16.76 -2.38
C GLY C 35 -8.40 17.39 -1.80
N TYR C 36 -9.41 16.58 -1.52
CA TYR C 36 -10.62 17.09 -0.92
C TYR C 36 -10.42 17.32 0.55
N LYS C 37 -11.23 18.21 1.12
CA LYS C 37 -11.03 18.71 2.50
C LYS C 37 -12.16 18.23 3.41
N LEU C 38 -11.80 17.58 4.51
CA LEU C 38 -12.75 17.01 5.47
C LEU C 38 -13.28 18.08 6.41
N VAL C 39 -14.59 18.36 6.35
CA VAL C 39 -15.18 19.41 7.13
C VAL C 39 -16.29 18.92 8.04
N GLY C 40 -16.60 17.63 7.95
CA GLY C 40 -17.44 17.00 8.95
C GLY C 40 -17.20 15.50 9.00
N LEU C 41 -17.27 14.93 10.19
CA LEU C 41 -16.98 13.51 10.38
C LEU C 41 -17.59 13.04 11.66
N LYS C 42 -18.29 11.93 11.62
CA LYS C 42 -19.03 11.47 12.78
C LYS C 42 -19.38 9.99 12.62
N LEU C 43 -19.20 9.23 13.69
CA LEU C 43 -19.65 7.86 13.75
C LEU C 43 -21.00 7.91 14.39
N LEU C 44 -22.00 7.23 13.80
CA LEU C 44 -23.34 7.11 14.40
C LEU C 44 -24.14 5.86 13.94
N GLN C 45 -25.06 5.41 14.78
CA GLN C 45 -25.98 4.36 14.44
C GLN C 45 -27.31 5.00 14.04
N PRO C 46 -27.68 4.90 12.77
CA PRO C 46 -29.00 5.40 12.40
C PRO C 46 -30.13 4.75 13.20
N THR C 47 -31.13 5.57 13.53
CA THR C 47 -32.39 5.07 14.10
C THR C 47 -33.24 4.43 12.99
N GLU C 48 -34.19 3.60 13.36
CA GLU C 48 -35.13 3.06 12.35
C GLU C 48 -35.80 4.20 11.58
N GLU C 49 -36.16 5.27 12.31
CA GLU C 49 -36.81 6.44 11.71
C GLU C 49 -35.90 7.11 10.68
N GLN C 50 -34.64 7.28 11.03
CA GLN C 50 -33.67 7.85 10.11
C GLN C 50 -33.47 6.98 8.89
N ALA C 51 -33.54 5.66 9.08
CA ALA C 51 -33.39 4.72 7.97
C ALA C 51 -34.63 4.79 7.05
N LYS C 52 -35.82 4.88 7.64
CA LYS C 52 -37.05 5.07 6.85
C LYS C 52 -36.88 6.26 5.88
N GLN C 53 -36.45 7.41 6.38
CA GLN C 53 -36.28 8.61 5.51
C GLN C 53 -35.20 8.44 4.42
N HIS C 54 -34.11 7.75 4.74
CA HIS C 54 -32.97 7.61 3.82
C HIS C 54 -33.29 6.95 2.48
N GLY C 66 -36.42 -4.14 5.05
CA GLY C 66 -35.20 -4.93 4.83
C GLY C 66 -33.96 -4.05 4.70
N LEU C 67 -34.03 -3.06 3.80
CA LEU C 67 -32.99 -2.00 3.70
C LEU C 67 -33.00 -1.15 5.00
N VAL C 68 -34.18 -0.89 5.55
CA VAL C 68 -34.32 -0.19 6.85
C VAL C 68 -33.58 -0.90 7.97
N SER C 69 -33.85 -2.19 8.09
CA SER C 69 -33.32 -2.99 9.17
C SER C 69 -31.78 -3.04 9.12
N TYR C 70 -31.23 -3.27 7.94
CA TYR C 70 -29.77 -3.33 7.78
C TYR C 70 -29.12 -1.97 8.09
N PHE C 71 -29.77 -0.90 7.67
CA PHE C 71 -29.20 0.44 7.78
C PHE C 71 -29.20 0.94 9.22
N SER C 72 -30.17 0.50 10.02
CA SER C 72 -30.25 0.89 11.43
C SER C 72 -29.64 -0.18 12.37
N SER C 73 -28.94 -1.18 11.81
CA SER C 73 -28.48 -2.34 12.57
C SER C 73 -27.14 -2.07 13.24
N GLY C 74 -26.42 -1.06 12.79
CA GLY C 74 -25.07 -0.81 13.29
C GLY C 74 -24.60 0.53 12.80
N PRO C 75 -23.36 0.89 13.14
CA PRO C 75 -22.92 2.24 12.90
C PRO C 75 -22.55 2.46 11.46
N ILE C 76 -22.71 3.71 11.03
CA ILE C 76 -22.17 4.23 9.79
C ILE C 76 -21.19 5.34 10.16
N VAL C 77 -20.35 5.73 9.22
CA VAL C 77 -19.53 6.91 9.38
C VAL C 77 -20.06 7.94 8.37
N GLY C 78 -20.51 9.08 8.88
CA GLY C 78 -20.98 10.20 8.06
C GLY C 78 -19.88 11.22 7.88
N MET C 79 -19.74 11.74 6.65
CA MET C 79 -18.65 12.65 6.33
C MET C 79 -19.15 13.75 5.44
N VAL C 80 -18.53 14.92 5.58
CA VAL C 80 -18.77 16.01 4.66
C VAL C 80 -17.40 16.40 4.10
N TRP C 81 -17.31 16.43 2.77
CA TRP C 81 -16.10 16.80 2.05
C TRP C 81 -16.31 18.03 1.19
N GLU C 82 -15.28 18.86 1.13
CA GLU C 82 -15.35 20.14 0.40
C GLU C 82 -14.27 20.21 -0.68
N GLY C 83 -14.63 20.74 -1.85
CA GLY C 83 -13.70 20.92 -2.94
C GLY C 83 -14.41 21.19 -4.25
N LEU C 84 -13.65 21.64 -5.23
CA LEU C 84 -14.16 21.88 -6.57
C LEU C 84 -14.73 20.59 -7.12
N GLY C 85 -16.01 20.62 -7.50
CA GLY C 85 -16.64 19.48 -8.16
C GLY C 85 -16.70 18.22 -7.28
N VAL C 86 -16.68 18.43 -5.96
CA VAL C 86 -16.61 17.30 -5.05
C VAL C 86 -17.82 16.36 -5.06
N VAL C 87 -19.00 16.85 -5.43
CA VAL C 87 -20.17 15.97 -5.45
C VAL C 87 -19.95 14.90 -6.51
N LYS C 88 -19.67 15.32 -7.76
CA LYS C 88 -19.42 14.36 -8.83
C LYS C 88 -18.13 13.61 -8.57
N GLY C 89 -17.07 14.34 -8.20
CA GLY C 89 -15.75 13.70 -7.96
C GLY C 89 -15.77 12.64 -6.85
N GLY C 90 -16.54 12.91 -5.79
CA GLY C 90 -16.70 11.95 -4.70
C GLY C 90 -17.36 10.66 -5.19
N ARG C 91 -18.37 10.81 -6.04
CA ARG C 91 -19.02 9.63 -6.65
C ARG C 91 -18.11 8.88 -7.60
N VAL C 92 -17.31 9.59 -8.38
CA VAL C 92 -16.31 8.92 -9.19
C VAL C 92 -15.34 8.08 -8.30
N LEU C 93 -14.97 8.58 -7.11
CA LEU C 93 -14.04 7.84 -6.24
C LEU C 93 -14.72 6.60 -5.71
N LEU C 94 -16.01 6.69 -5.47
CA LEU C 94 -16.75 5.57 -4.93
C LEU C 94 -16.92 4.48 -5.99
N GLY C 95 -17.07 4.91 -7.23
CA GLY C 95 -17.36 3.97 -8.34
C GLY C 95 -18.85 3.81 -8.56
N ALA C 96 -19.23 3.11 -9.63
CA ALA C 96 -20.68 2.99 -9.95
C ALA C 96 -21.40 2.42 -8.74
N THR C 97 -22.65 2.84 -8.58
CA THR C 97 -23.49 2.43 -7.47
C THR C 97 -23.63 0.91 -7.39
N ASN C 98 -23.85 0.29 -8.53
CA ASN C 98 -23.90 -1.16 -8.61
C ASN C 98 -22.50 -1.75 -8.81
N PRO C 99 -21.99 -2.50 -7.82
CA PRO C 99 -20.61 -2.95 -7.91
C PRO C 99 -20.30 -3.78 -9.14
N ALA C 100 -21.28 -4.44 -9.72
CA ALA C 100 -21.07 -5.16 -10.98
C ALA C 100 -20.47 -4.22 -12.04
N ASP C 101 -20.90 -2.96 -12.03
CA ASP C 101 -20.40 -1.97 -13.00
C ASP C 101 -19.19 -1.15 -12.51
N SER C 102 -18.78 -1.31 -11.27
CA SER C 102 -17.66 -0.52 -10.72
C SER C 102 -16.32 -0.99 -11.23
N LEU C 103 -15.44 -0.05 -11.53
CA LEU C 103 -14.13 -0.39 -12.12
C LEU C 103 -13.08 -0.47 -11.00
N PRO C 104 -12.10 -1.39 -11.14
CA PRO C 104 -11.00 -1.42 -10.18
C PRO C 104 -10.32 -0.05 -10.10
N GLY C 105 -9.87 0.30 -8.90
CA GLY C 105 -9.39 1.66 -8.58
C GLY C 105 -10.41 2.47 -7.84
N THR C 106 -11.71 2.14 -7.99
CA THR C 106 -12.72 2.79 -7.19
C THR C 106 -12.96 1.96 -5.94
N ILE C 107 -13.60 2.58 -4.97
CA ILE C 107 -13.92 1.92 -3.68
C ILE C 107 -14.79 0.67 -3.90
N ARG C 108 -15.89 0.83 -4.60
CA ARG C 108 -16.73 -0.34 -4.91
C ARG C 108 -16.12 -1.32 -5.88
N GLY C 109 -15.34 -0.83 -6.82
CA GLY C 109 -14.67 -1.73 -7.75
C GLY C 109 -13.65 -2.59 -7.05
N ASP C 110 -13.01 -2.04 -6.03
CA ASP C 110 -11.98 -2.75 -5.28
C ASP C 110 -12.53 -3.61 -4.15
N PHE C 111 -13.67 -3.21 -3.59
CA PHE C 111 -14.10 -3.82 -2.31
C PHE C 111 -15.54 -4.40 -2.25
N ALA C 112 -16.39 -4.18 -3.27
CA ALA C 112 -17.81 -4.57 -3.17
C ALA C 112 -18.21 -5.50 -4.28
N VAL C 113 -19.15 -6.39 -3.96
CA VAL C 113 -19.72 -7.32 -4.92
C VAL C 113 -21.20 -7.12 -5.20
N ASP C 114 -21.96 -6.84 -4.16
CA ASP C 114 -23.40 -6.91 -4.22
C ASP C 114 -23.97 -5.50 -4.04
N VAL C 115 -24.93 -5.12 -4.89
CA VAL C 115 -25.54 -3.78 -4.83
C VAL C 115 -26.18 -3.56 -3.47
N GLY C 116 -26.72 -4.61 -2.84
CA GLY C 116 -27.30 -4.49 -1.51
C GLY C 116 -26.29 -4.36 -0.37
N ARG C 117 -25.00 -4.53 -0.68
CA ARG C 117 -23.92 -4.38 0.29
C ARG C 117 -22.79 -3.66 -0.43
N ASN C 118 -23.07 -2.41 -0.80
CA ASN C 118 -22.18 -1.63 -1.65
C ASN C 118 -21.33 -0.61 -0.89
N VAL C 119 -21.20 -0.86 0.41
CA VAL C 119 -20.10 -0.32 1.21
C VAL C 119 -20.19 1.18 1.57
N CYS C 120 -20.74 1.99 0.69
CA CYS C 120 -20.69 3.42 0.86
C CYS C 120 -21.80 4.16 0.10
N HIS C 121 -21.88 5.47 0.33
CA HIS C 121 -22.82 6.35 -0.36
C HIS C 121 -22.24 7.70 -0.54
N GLY C 122 -22.59 8.33 -1.65
CA GLY C 122 -22.27 9.73 -1.90
C GLY C 122 -23.45 10.46 -2.51
N SER C 123 -23.64 11.72 -2.13
CA SER C 123 -24.76 12.50 -2.63
C SER C 123 -24.72 12.49 -4.14
N ASP C 124 -25.88 12.42 -4.76
CA ASP C 124 -25.93 12.32 -6.23
C ASP C 124 -26.05 13.66 -6.92
N SER C 125 -26.22 14.74 -6.17
CA SER C 125 -26.28 16.09 -6.77
C SER C 125 -25.99 17.13 -5.73
N VAL C 126 -25.78 18.36 -6.18
CA VAL C 126 -25.45 19.46 -5.26
C VAL C 126 -26.63 19.72 -4.29
N GLU C 127 -27.85 19.74 -4.85
CA GLU C 127 -29.08 19.97 -4.05
C GLU C 127 -29.27 18.84 -3.02
N SER C 128 -29.04 17.59 -3.43
CA SER C 128 -29.29 16.50 -2.51
C SER C 128 -28.14 16.47 -1.49
N ALA C 129 -26.92 16.86 -1.89
CA ALA C 129 -25.82 16.98 -0.94
C ALA C 129 -26.19 17.98 0.17
N LYS C 130 -26.74 19.14 -0.20
CA LYS C 130 -27.16 20.15 0.83
C LYS C 130 -28.17 19.56 1.78
N ARG C 131 -29.13 18.82 1.23
CA ARG C 131 -30.15 18.18 2.07
C ARG C 131 -29.56 17.11 3.00
N GLU C 132 -28.64 16.30 2.48
CA GLU C 132 -28.10 15.18 3.22
C GLU C 132 -27.19 15.67 4.33
N ILE C 133 -26.37 16.66 4.01
CA ILE C 133 -25.50 17.31 4.99
C ILE C 133 -26.35 17.88 6.13
N ALA C 134 -27.40 18.61 5.78
CA ALA C 134 -28.29 19.24 6.79
C ALA C 134 -29.01 18.20 7.61
N PHE C 135 -29.34 17.08 7.00
CA PHE C 135 -30.03 16.00 7.71
C PHE C 135 -29.14 15.32 8.77
N TRP C 136 -27.88 15.09 8.45
CA TRP C 136 -27.00 14.28 9.30
C TRP C 136 -26.14 15.09 10.20
N PHE C 137 -25.91 16.35 9.85
CA PHE C 137 -25.03 17.22 10.62
C PHE C 137 -25.71 18.51 11.03
N LYS C 138 -25.57 18.85 12.30
CA LYS C 138 -26.00 20.17 12.80
C LYS C 138 -24.88 21.14 12.38
N ALA C 139 -25.25 22.38 12.12
CA ALA C 139 -24.31 23.44 11.69
C ALA C 139 -23.03 23.51 12.49
N GLU C 140 -23.18 23.47 13.81
CA GLU C 140 -22.03 23.57 14.69
C GLU C 140 -21.10 22.36 14.62
N GLU C 141 -21.53 21.27 14.00
CA GLU C 141 -20.66 20.13 13.88
C GLU C 141 -19.71 20.20 12.69
N LEU C 142 -19.92 21.15 11.78
CA LEU C 142 -19.08 21.23 10.56
C LEU C 142 -17.99 22.20 10.90
N VAL C 143 -16.79 21.97 10.41
CA VAL C 143 -15.68 22.85 10.69
C VAL C 143 -15.17 23.49 9.40
N SER C 144 -15.14 24.81 9.40
CA SER C 144 -14.52 25.57 8.34
C SER C 144 -13.07 25.84 8.70
N TRP C 145 -12.20 25.44 7.81
CA TRP C 145 -10.77 25.66 7.97
C TRP C 145 -10.15 25.66 6.61
N THR C 146 -8.92 26.13 6.57
CA THR C 146 -8.20 26.29 5.35
C THR C 146 -7.05 25.31 5.39
N SER C 147 -6.96 24.49 4.35
CA SER C 147 -5.83 23.63 4.18
C SER C 147 -4.60 24.45 3.83
N HIS C 148 -3.47 24.14 4.46
CA HIS C 148 -2.19 24.73 4.09
C HIS C 148 -1.76 24.34 2.67
N SER C 149 -2.47 23.43 2.03
CA SER C 149 -2.13 22.98 0.65
C SER C 149 -3.04 23.56 -0.42
N VAL C 150 -3.91 24.48 -0.03
CA VAL C 150 -4.89 25.06 -0.96
C VAL C 150 -4.24 25.66 -2.23
N LYS C 151 -3.12 26.39 -2.11
CA LYS C 151 -2.45 26.95 -3.29
C LYS C 151 -1.74 25.89 -4.18
N GLN C 152 -1.50 24.70 -3.62
CA GLN C 152 -0.90 23.61 -4.37
C GLN C 152 -1.95 22.78 -5.10
N ILE C 153 -3.19 22.81 -4.62
CA ILE C 153 -4.30 22.07 -5.21
C ILE C 153 -5.10 22.92 -6.20
N TYR C 154 -5.24 24.22 -5.93
CA TYR C 154 -6.01 25.13 -6.75
C TYR C 154 -5.19 26.30 -7.29
N GLU C 155 -5.28 26.55 -8.58
CA GLU C 155 -4.61 27.67 -9.19
C GLU C 155 -5.17 29.03 -8.75
N ARG C 156 -6.49 29.16 -8.57
CA ARG C 156 -7.15 30.41 -8.22
C ARG C 156 -7.80 30.24 -6.86
N PRO D 6 -11.67 -7.70 26.51
CA PRO D 6 -11.61 -6.82 25.33
C PRO D 6 -12.43 -5.51 25.34
N SER D 7 -13.26 -5.22 26.37
CA SER D 7 -14.06 -3.96 26.39
C SER D 7 -13.26 -2.69 26.82
N GLU D 8 -11.97 -2.82 27.14
CA GLU D 8 -11.12 -1.63 27.32
C GLU D 8 -11.23 -0.63 26.15
N ARG D 9 -11.15 0.66 26.47
CA ARG D 9 -11.25 1.74 25.49
C ARG D 9 -10.19 2.82 25.66
N THR D 10 -9.78 3.44 24.57
CA THR D 10 -8.79 4.49 24.62
C THR D 10 -9.16 5.63 23.70
N PHE D 11 -8.59 6.80 23.98
CA PHE D 11 -8.79 7.98 23.18
C PHE D 11 -7.59 8.18 22.29
N ILE D 12 -7.83 8.25 20.95
CA ILE D 12 -6.79 8.58 19.97
C ILE D 12 -7.20 9.85 19.24
N ALA D 13 -6.25 10.75 19.03
CA ALA D 13 -6.54 11.98 18.29
C ALA D 13 -5.53 12.11 17.16
N VAL D 14 -6.00 12.62 16.02
CA VAL D 14 -5.12 13.18 15.03
C VAL D 14 -5.06 14.65 15.36
N LYS D 15 -3.89 15.12 15.78
CA LYS D 15 -3.72 16.54 16.11
C LYS D 15 -3.80 17.39 14.80
N PRO D 16 -3.79 18.71 14.92
CA PRO D 16 -4.02 19.52 13.74
C PRO D 16 -3.00 19.34 12.63
N ASP D 17 -1.74 19.13 12.97
CA ASP D 17 -0.71 18.86 11.94
C ASP D 17 -1.04 17.57 11.20
N GLY D 18 -1.54 16.58 11.93
CA GLY D 18 -1.92 15.33 11.32
C GLY D 18 -3.06 15.50 10.33
N VAL D 19 -4.05 16.33 10.71
CA VAL D 19 -5.17 16.55 9.84
C VAL D 19 -4.71 17.34 8.60
N GLN D 20 -3.92 18.38 8.82
CA GLN D 20 -3.41 19.20 7.73
C GLN D 20 -2.60 18.37 6.74
N ARG D 21 -1.87 17.38 7.27
CA ARG D 21 -0.97 16.59 6.43
C ARG D 21 -1.66 15.35 5.91
N ASN D 22 -3.00 15.32 5.96
CA ASN D 22 -3.78 14.26 5.34
C ASN D 22 -3.44 12.85 5.89
N LEU D 23 -3.36 12.70 7.21
CA LEU D 23 -3.04 11.40 7.82
C LEU D 23 -4.22 10.78 8.58
N VAL D 24 -5.42 11.33 8.44
CA VAL D 24 -6.58 10.81 9.17
C VAL D 24 -6.91 9.39 8.72
N GLY D 25 -7.07 9.20 7.43
CA GLY D 25 -7.40 7.89 6.91
C GLY D 25 -6.35 6.86 7.24
N GLU D 26 -5.08 7.25 7.01
CA GLU D 26 -3.97 6.36 7.27
C GLU D 26 -3.96 5.89 8.72
N ILE D 27 -4.22 6.78 9.65
CA ILE D 27 -4.24 6.41 11.07
C ILE D 27 -5.38 5.47 11.37
N ILE D 28 -6.58 5.79 10.86
CA ILE D 28 -7.75 4.97 11.13
C ILE D 28 -7.51 3.56 10.60
N LYS D 29 -6.92 3.48 9.41
CA LYS D 29 -6.65 2.23 8.74
C LYS D 29 -5.79 1.27 9.59
N ARG D 30 -4.79 1.83 10.24
CA ARG D 30 -3.89 1.04 11.03
C ARG D 30 -4.55 0.44 12.27
N PHE D 31 -5.48 1.19 12.85
CA PHE D 31 -6.22 0.70 13.98
C PHE D 31 -7.23 -0.37 13.54
N GLU D 32 -7.88 -0.13 12.41
CA GLU D 32 -8.83 -1.10 11.85
C GLU D 32 -8.10 -2.39 11.48
N ASN D 33 -6.93 -2.26 10.87
CA ASN D 33 -6.17 -3.46 10.45
C ASN D 33 -5.74 -4.28 11.64
N LYS D 34 -5.40 -3.59 12.74
CA LYS D 34 -4.94 -4.26 13.95
C LYS D 34 -6.04 -5.11 14.61
N GLY D 35 -7.28 -4.74 14.39
CA GLY D 35 -8.37 -5.50 14.95
C GLY D 35 -9.15 -4.75 15.99
N TYR D 36 -8.79 -3.49 16.20
CA TYR D 36 -9.47 -2.67 17.16
C TYR D 36 -10.77 -2.17 16.57
N LYS D 37 -11.70 -1.83 17.45
CA LYS D 37 -13.07 -1.49 17.03
C LYS D 37 -13.32 0.00 17.28
N LEU D 38 -13.81 0.71 16.25
CA LEU D 38 -14.10 2.14 16.35
C LEU D 38 -15.47 2.36 16.99
N VAL D 39 -15.50 3.01 18.15
CA VAL D 39 -16.76 3.23 18.88
C VAL D 39 -17.05 4.71 19.09
N GLY D 40 -16.14 5.58 18.68
CA GLY D 40 -16.44 7.03 18.66
C GLY D 40 -15.53 7.75 17.68
N LEU D 41 -16.07 8.75 16.98
CA LEU D 41 -15.32 9.41 15.92
C LEU D 41 -15.95 10.77 15.68
N LYS D 42 -15.14 11.81 15.65
CA LYS D 42 -15.66 13.15 15.50
C LYS D 42 -14.57 14.15 15.09
N LEU D 43 -14.91 15.03 14.13
CA LEU D 43 -14.01 16.09 13.71
C LEU D 43 -14.40 17.29 14.51
N LEU D 44 -13.41 18.01 15.10
CA LEU D 44 -13.68 19.26 15.81
C LEU D 44 -12.46 20.19 15.93
N GLN D 45 -12.75 21.50 16.04
CA GLN D 45 -11.73 22.50 16.24
C GLN D 45 -11.75 22.90 17.70
N PRO D 46 -10.66 22.57 18.43
CA PRO D 46 -10.65 22.96 19.83
C PRO D 46 -10.74 24.45 19.93
N THR D 47 -11.45 24.93 20.94
CA THR D 47 -11.48 26.34 21.25
C THR D 47 -10.17 26.71 21.95
N GLU D 48 -9.87 28.00 21.98
CA GLU D 48 -8.74 28.49 22.80
C GLU D 48 -8.89 28.01 24.23
N GLU D 49 -10.11 28.09 24.76
CA GLU D 49 -10.37 27.74 26.11
C GLU D 49 -10.11 26.26 26.34
N GLN D 50 -10.55 25.43 25.41
CA GLN D 50 -10.28 23.98 25.48
C GLN D 50 -8.81 23.70 25.43
N ALA D 51 -8.07 24.48 24.65
CA ALA D 51 -6.62 24.30 24.56
C ALA D 51 -5.99 24.70 25.92
N LYS D 52 -6.44 25.85 26.47
CA LYS D 52 -6.06 26.40 27.80
C LYS D 52 -6.79 25.67 28.90
N GLY D 66 1.47 29.14 23.29
CA GLY D 66 2.08 28.61 22.03
C GLY D 66 1.54 27.23 21.63
N LEU D 67 1.55 26.31 22.59
CA LEU D 67 0.87 25.01 22.46
C LEU D 67 -0.65 25.24 22.34
N VAL D 68 -1.19 26.17 23.10
CA VAL D 68 -2.60 26.56 22.99
C VAL D 68 -2.98 27.01 21.59
N SER D 69 -2.19 27.93 21.05
CA SER D 69 -2.49 28.52 19.78
C SER D 69 -2.49 27.47 18.67
N TYR D 70 -1.49 26.60 18.66
CA TYR D 70 -1.41 25.57 17.64
C TYR D 70 -2.56 24.57 17.74
N PHE D 71 -2.92 24.23 18.98
CA PHE D 71 -3.95 23.21 19.21
C PHE D 71 -5.37 23.71 18.87
N SER D 72 -5.59 25.02 18.97
CA SER D 72 -6.88 25.62 18.60
C SER D 72 -6.92 26.25 17.20
N SER D 73 -5.90 25.99 16.40
CA SER D 73 -5.69 26.66 15.12
C SER D 73 -6.43 25.96 14.00
N GLY D 74 -6.85 24.73 14.22
CA GLY D 74 -7.50 23.94 13.19
C GLY D 74 -8.08 22.69 13.77
N PRO D 75 -8.75 21.91 12.95
CA PRO D 75 -9.43 20.75 13.44
C PRO D 75 -8.51 19.61 13.87
N ILE D 76 -8.99 18.83 14.82
CA ILE D 76 -8.43 17.56 15.18
C ILE D 76 -9.52 16.49 14.89
N VAL D 77 -9.13 15.22 14.78
CA VAL D 77 -10.08 14.13 14.75
C VAL D 77 -9.95 13.34 16.04
N GLY D 78 -11.03 13.28 16.81
CA GLY D 78 -11.06 12.54 18.04
C GLY D 78 -11.66 11.19 17.80
N MET D 79 -11.09 10.15 18.42
CA MET D 79 -11.52 8.76 18.20
C MET D 79 -11.55 8.01 19.50
N VAL D 80 -12.51 7.09 19.63
CA VAL D 80 -12.48 6.12 20.75
C VAL D 80 -12.37 4.74 20.12
N TRP D 81 -11.37 3.97 20.55
CA TRP D 81 -11.16 2.59 20.06
C TRP D 81 -11.32 1.61 21.19
N GLU D 82 -11.88 0.46 20.88
CA GLU D 82 -12.12 -0.60 21.87
C GLU D 82 -11.37 -1.88 21.48
N GLY D 83 -10.81 -2.57 22.49
CA GLY D 83 -10.16 -3.89 22.27
C GLY D 83 -9.28 -4.27 23.42
N LEU D 84 -8.87 -5.53 23.45
CA LEU D 84 -8.00 -6.04 24.52
C LEU D 84 -6.69 -5.28 24.47
N GLY D 85 -6.32 -4.68 25.58
CA GLY D 85 -5.02 -3.95 25.70
C GLY D 85 -4.89 -2.77 24.74
N VAL D 86 -6.02 -2.21 24.33
CA VAL D 86 -6.04 -1.12 23.35
C VAL D 86 -5.33 0.18 23.83
N VAL D 87 -5.31 0.48 25.13
CA VAL D 87 -4.60 1.69 25.61
C VAL D 87 -3.11 1.61 25.28
N LYS D 88 -2.45 0.54 25.76
CA LYS D 88 -1.04 0.28 25.43
C LYS D 88 -0.84 0.01 23.92
N GLY D 89 -1.68 -0.85 23.35
CA GLY D 89 -1.56 -1.23 21.94
C GLY D 89 -1.68 -0.04 21.01
N GLY D 90 -2.59 0.87 21.33
CA GLY D 90 -2.82 2.05 20.49
C GLY D 90 -1.57 2.89 20.49
N ARG D 91 -0.95 3.01 21.65
CA ARG D 91 0.31 3.75 21.73
C ARG D 91 1.44 3.09 20.98
N VAL D 92 1.53 1.77 21.04
CA VAL D 92 2.54 1.07 20.25
C VAL D 92 2.31 1.39 18.73
N LEU D 93 1.05 1.51 18.28
CA LEU D 93 0.79 1.79 16.86
C LEU D 93 1.23 3.20 16.50
N LEU D 94 1.05 4.12 17.45
CA LEU D 94 1.43 5.50 17.23
C LEU D 94 2.94 5.61 17.19
N GLY D 95 3.62 4.84 18.00
CA GLY D 95 5.11 4.93 18.12
C GLY D 95 5.50 5.87 19.24
N ALA D 96 6.80 5.91 19.57
CA ALA D 96 7.25 6.70 20.71
C ALA D 96 6.78 8.17 20.53
N THR D 97 6.44 8.81 21.66
CA THR D 97 5.91 10.16 21.69
C THR D 97 6.83 11.14 20.96
N ASN D 98 8.13 11.03 21.24
CA ASN D 98 9.14 11.82 20.55
C ASN D 98 9.57 11.13 19.26
N PRO D 99 9.28 11.75 18.11
CA PRO D 99 9.53 11.06 16.83
C PRO D 99 10.98 10.65 16.61
N ALA D 100 11.94 11.34 17.22
CA ALA D 100 13.33 10.88 17.17
C ALA D 100 13.44 9.44 17.62
N ASP D 101 12.65 9.03 18.61
CA ASP D 101 12.66 7.65 19.14
C ASP D 101 11.72 6.69 18.43
N SER D 102 10.85 7.20 17.56
CA SER D 102 9.86 6.33 16.90
C SER D 102 10.48 5.44 15.83
N LEU D 103 10.05 4.20 15.76
CA LEU D 103 10.58 3.26 14.77
C LEU D 103 9.68 3.24 13.52
N PRO D 104 10.31 3.05 12.34
CA PRO D 104 9.50 2.85 11.10
C PRO D 104 8.53 1.70 11.27
N GLY D 105 7.38 1.81 10.63
CA GLY D 105 6.22 0.96 10.90
C GLY D 105 5.19 1.59 11.81
N THR D 106 5.60 2.52 12.68
CA THR D 106 4.63 3.23 13.52
C THR D 106 4.25 4.51 12.82
N ILE D 107 3.15 5.10 13.27
CA ILE D 107 2.65 6.34 12.68
C ILE D 107 3.72 7.43 12.75
N ARG D 108 4.22 7.70 13.95
CA ARG D 108 5.24 8.72 14.09
C ARG D 108 6.57 8.36 13.47
N GLY D 109 6.92 7.09 13.48
CA GLY D 109 8.15 6.66 12.86
C GLY D 109 8.10 6.87 11.38
N ASP D 110 6.92 6.68 10.80
CA ASP D 110 6.74 6.82 9.35
C ASP D 110 6.50 8.25 8.94
N PHE D 111 5.86 9.05 9.80
CA PHE D 111 5.31 10.35 9.34
C PHE D 111 5.75 11.63 10.10
N ALA D 112 6.43 11.52 11.26
CA ALA D 112 6.71 12.68 12.09
C ALA D 112 8.21 12.83 12.33
N VAL D 113 8.63 14.09 12.44
CA VAL D 113 10.00 14.46 12.73
C VAL D 113 10.20 15.17 14.06
N ASP D 114 9.28 16.07 14.40
CA ASP D 114 9.50 16.99 15.50
C ASP D 114 8.51 16.69 16.61
N VAL D 115 8.98 16.62 17.85
CA VAL D 115 8.11 16.31 19.00
C VAL D 115 6.95 17.29 19.10
N GLY D 116 7.19 18.57 18.75
CA GLY D 116 6.14 19.59 18.79
C GLY D 116 5.10 19.43 17.67
N ARG D 117 5.35 18.55 16.70
CA ARG D 117 4.42 18.32 15.58
C ARG D 117 4.41 16.83 15.35
N ASN D 118 3.95 16.12 16.37
CA ASN D 118 4.03 14.69 16.41
C ASN D 118 2.71 14.01 16.06
N VAL D 119 1.87 14.75 15.33
CA VAL D 119 0.81 14.17 14.46
C VAL D 119 -0.41 13.61 15.18
N CYS D 120 -0.21 13.05 16.37
CA CYS D 120 -1.26 12.30 17.01
C CYS D 120 -1.07 12.15 18.48
N HIS D 121 -2.08 11.58 19.12
CA HIS D 121 -2.07 11.36 20.58
C HIS D 121 -2.86 10.16 20.93
N GLY D 122 -2.38 9.46 21.96
CA GLY D 122 -3.10 8.33 22.54
C GLY D 122 -3.03 8.40 24.04
N SER D 123 -4.13 8.03 24.71
CA SER D 123 -4.17 8.05 26.16
C SER D 123 -3.03 7.21 26.69
N ASP D 124 -2.43 7.64 27.80
CA ASP D 124 -1.26 6.93 28.30
C ASP D 124 -1.60 5.90 29.35
N SER D 125 -2.87 5.80 29.75
CA SER D 125 -3.28 4.79 30.73
C SER D 125 -4.77 4.58 30.68
N VAL D 126 -5.25 3.55 31.37
CA VAL D 126 -6.66 3.26 31.39
C VAL D 126 -7.46 4.42 32.03
N GLU D 127 -6.98 4.91 33.18
CA GLU D 127 -7.63 6.02 33.90
C GLU D 127 -7.66 7.30 33.05
N SER D 128 -6.55 7.61 32.40
CA SER D 128 -6.49 8.84 31.66
C SER D 128 -7.30 8.68 30.37
N ALA D 129 -7.37 7.45 29.83
CA ALA D 129 -8.30 7.17 28.71
C ALA D 129 -9.76 7.47 29.10
N LYS D 130 -10.19 6.98 30.26
CA LYS D 130 -11.57 7.25 30.74
C LYS D 130 -11.84 8.75 30.86
N ARG D 131 -10.90 9.47 31.44
CA ARG D 131 -11.03 10.92 31.51
C ARG D 131 -11.09 11.61 30.12
N GLU D 132 -10.23 11.19 29.18
CA GLU D 132 -10.08 11.86 27.89
C GLU D 132 -11.33 11.61 27.05
N ILE D 133 -11.81 10.37 27.08
CA ILE D 133 -13.01 9.97 26.42
C ILE D 133 -14.18 10.81 26.92
N ALA D 134 -14.33 10.90 28.24
CA ALA D 134 -15.41 11.69 28.85
C ALA D 134 -15.28 13.19 28.51
N PHE D 135 -14.05 13.69 28.42
CA PHE D 135 -13.82 15.09 28.11
C PHE D 135 -14.22 15.46 26.66
N TRP D 136 -13.91 14.61 25.70
CA TRP D 136 -14.13 14.91 24.29
C TRP D 136 -15.45 14.38 23.73
N PHE D 137 -16.02 13.36 24.36
CA PHE D 137 -17.26 12.73 23.87
C PHE D 137 -18.33 12.70 24.93
N LYS D 138 -19.55 13.09 24.53
CA LYS D 138 -20.74 12.85 25.36
C LYS D 138 -21.03 11.36 25.24
N ALA D 139 -21.56 10.78 26.30
CA ALA D 139 -21.94 9.36 26.33
C ALA D 139 -22.72 8.92 25.10
N GLU D 140 -23.67 9.74 24.67
CA GLU D 140 -24.55 9.40 23.55
C GLU D 140 -23.82 9.35 22.24
N GLU D 141 -22.65 9.93 22.19
CA GLU D 141 -21.89 9.95 20.95
C GLU D 141 -21.09 8.67 20.73
N LEU D 142 -20.98 7.80 21.73
CA LEU D 142 -20.23 6.56 21.57
C LEU D 142 -21.20 5.49 21.13
N VAL D 143 -20.77 4.60 20.25
CA VAL D 143 -21.65 3.57 19.74
C VAL D 143 -21.12 2.22 20.19
N SER D 144 -21.97 1.46 20.87
CA SER D 144 -21.69 0.08 21.22
C SER D 144 -22.24 -0.87 20.16
N TRP D 145 -21.35 -1.68 19.61
CA TRP D 145 -21.71 -2.64 18.60
C TRP D 145 -20.72 -3.75 18.65
N THR D 146 -21.06 -4.82 17.96
CA THR D 146 -20.28 -6.04 17.93
C THR D 146 -19.75 -6.25 16.54
N SER D 147 -18.43 -6.39 16.42
CA SER D 147 -17.80 -6.70 15.15
C SER D 147 -18.11 -8.12 14.77
N HIS D 148 -18.46 -8.33 13.50
CA HIS D 148 -18.74 -9.67 13.01
C HIS D 148 -17.48 -10.50 13.00
N SER D 149 -16.34 -9.87 13.27
CA SER D 149 -15.04 -10.59 13.31
C SER D 149 -14.52 -10.94 14.72
N VAL D 150 -15.32 -10.68 15.73
CA VAL D 150 -14.89 -10.82 17.12
C VAL D 150 -14.36 -12.23 17.42
N LYS D 151 -14.99 -13.27 16.89
CA LYS D 151 -14.52 -14.65 17.13
C LYS D 151 -13.23 -14.99 16.36
N GLN D 152 -12.92 -14.19 15.34
CA GLN D 152 -11.70 -14.36 14.57
C GLN D 152 -10.52 -13.63 15.21
N ILE D 153 -10.83 -12.61 15.99
CA ILE D 153 -9.81 -11.78 16.65
C ILE D 153 -9.52 -12.26 18.07
N TYR D 154 -10.55 -12.73 18.77
CA TYR D 154 -10.44 -13.18 20.17
C TYR D 154 -10.82 -14.64 20.34
N GLU D 155 -9.96 -15.39 21.04
CA GLU D 155 -10.21 -16.80 21.34
C GLU D 155 -11.40 -17.03 22.27
N ARG D 156 -11.59 -16.18 23.29
CA ARG D 156 -12.67 -16.39 24.29
C ARG D 156 -13.62 -15.19 24.36
N SER E 4 24.44 -23.24 6.68
CA SER E 4 23.80 -21.88 6.40
C SER E 4 23.61 -21.55 4.88
N MET E 5 22.67 -22.21 4.23
CA MET E 5 22.61 -22.23 2.76
C MET E 5 21.50 -21.35 2.26
N PRO E 6 21.66 -20.74 1.06
CA PRO E 6 20.55 -20.02 0.42
C PRO E 6 19.40 -20.95 0.06
N SER E 7 19.69 -22.25 -0.06
CA SER E 7 18.66 -23.26 -0.24
C SER E 7 17.87 -23.60 1.04
N GLU E 8 18.21 -23.01 2.19
CA GLU E 8 17.40 -23.21 3.40
C GLU E 8 15.90 -22.97 3.11
N ARG E 9 15.04 -23.73 3.78
CA ARG E 9 13.59 -23.64 3.60
C ARG E 9 12.87 -23.60 4.95
N THR E 10 11.76 -22.88 4.99
CA THR E 10 10.94 -22.85 6.19
C THR E 10 9.47 -23.06 5.83
N PHE E 11 8.70 -23.45 6.84
CA PHE E 11 7.25 -23.61 6.71
C PHE E 11 6.57 -22.40 7.34
N ILE E 12 5.73 -21.73 6.53
CA ILE E 12 4.88 -20.63 7.01
C ILE E 12 3.41 -21.01 6.77
N ALA E 13 2.57 -20.76 7.76
CA ALA E 13 1.14 -21.03 7.67
C ALA E 13 0.38 -19.78 7.93
N VAL E 14 -0.69 -19.58 7.16
CA VAL E 14 -1.73 -18.64 7.56
C VAL E 14 -2.73 -19.49 8.27
N LYS E 15 -2.92 -19.23 9.57
CA LYS E 15 -3.89 -19.99 10.36
C LYS E 15 -5.33 -19.61 9.93
N PRO E 16 -6.35 -20.32 10.45
CA PRO E 16 -7.72 -20.11 9.96
C PRO E 16 -8.24 -18.70 10.18
N ASP E 17 -7.82 -18.04 11.27
CA ASP E 17 -8.20 -16.67 11.52
C ASP E 17 -7.59 -15.76 10.45
N GLY E 18 -6.36 -16.06 10.05
CA GLY E 18 -5.69 -15.26 9.05
C GLY E 18 -6.37 -15.38 7.69
N VAL E 19 -6.83 -16.59 7.36
CA VAL E 19 -7.56 -16.82 6.09
C VAL E 19 -8.95 -16.13 6.14
N GLN E 20 -9.66 -16.29 7.25
CA GLN E 20 -10.95 -15.65 7.46
C GLN E 20 -10.85 -14.13 7.36
N ARG E 21 -9.77 -13.57 7.88
CA ARG E 21 -9.61 -12.14 7.91
C ARG E 21 -8.88 -11.59 6.67
N ASN E 22 -8.74 -12.41 5.62
CA ASN E 22 -8.21 -11.95 4.33
C ASN E 22 -6.78 -11.41 4.38
N LEU E 23 -5.91 -12.13 5.05
CA LEU E 23 -4.55 -11.76 5.16
C LEU E 23 -3.58 -12.65 4.35
N VAL E 24 -4.11 -13.54 3.49
CA VAL E 24 -3.22 -14.47 2.76
C VAL E 24 -2.34 -13.68 1.81
N GLY E 25 -2.96 -12.87 0.96
CA GLY E 25 -2.17 -12.10 -0.02
C GLY E 25 -1.16 -11.20 0.65
N GLU E 26 -1.60 -10.52 1.70
CA GLU E 26 -0.73 -9.59 2.40
C GLU E 26 0.51 -10.32 2.96
N ILE E 27 0.31 -11.50 3.54
CA ILE E 27 1.42 -12.26 4.07
C ILE E 27 2.37 -12.71 2.96
N ILE E 28 1.83 -13.25 1.88
CA ILE E 28 2.66 -13.73 0.78
C ILE E 28 3.49 -12.55 0.22
N LYS E 29 2.87 -11.38 0.11
CA LYS E 29 3.51 -10.18 -0.46
C LYS E 29 4.78 -9.80 0.31
N ARG E 30 4.68 -9.88 1.61
CA ARG E 30 5.79 -9.50 2.45
C ARG E 30 6.97 -10.41 2.28
N PHE E 31 6.69 -11.69 2.02
CA PHE E 31 7.76 -12.65 1.83
C PHE E 31 8.39 -12.44 0.45
N GLU E 32 7.54 -12.22 -0.54
CA GLU E 32 8.01 -11.92 -1.91
C GLU E 32 8.85 -10.63 -1.92
N ASN E 33 8.37 -9.60 -1.24
CA ASN E 33 9.08 -8.32 -1.21
C ASN E 33 10.47 -8.48 -0.58
N LYS E 34 10.57 -9.35 0.41
CA LYS E 34 11.76 -9.54 1.13
C LYS E 34 12.84 -10.18 0.27
N GLY E 35 12.43 -10.94 -0.74
CA GLY E 35 13.38 -11.60 -1.61
C GLY E 35 13.35 -13.11 -1.48
N TYR E 36 12.48 -13.63 -0.66
CA TYR E 36 12.38 -15.06 -0.46
C TYR E 36 11.61 -15.67 -1.63
N LYS E 37 11.82 -16.97 -1.86
CA LYS E 37 11.28 -17.66 -3.00
C LYS E 37 10.24 -18.68 -2.59
N LEU E 38 9.05 -18.62 -3.21
CA LEU E 38 7.94 -19.54 -2.87
C LEU E 38 8.14 -20.86 -3.60
N VAL E 39 8.32 -21.95 -2.84
CA VAL E 39 8.57 -23.28 -3.44
C VAL E 39 7.50 -24.29 -3.05
N GLY E 40 6.54 -23.86 -2.22
CA GLY E 40 5.36 -24.69 -1.96
C GLY E 40 4.21 -23.85 -1.48
N LEU E 41 3.00 -24.22 -1.89
CA LEU E 41 1.81 -23.45 -1.55
C LEU E 41 0.58 -24.30 -1.70
N LYS E 42 -0.30 -24.26 -0.69
CA LYS E 42 -1.42 -25.14 -0.67
C LYS E 42 -2.45 -24.65 0.34
N LEU E 43 -3.70 -24.60 -0.11
CA LEU E 43 -4.82 -24.32 0.75
C LEU E 43 -5.29 -25.68 1.24
N LEU E 44 -5.51 -25.84 2.55
CA LEU E 44 -6.09 -27.07 3.11
C LEU E 44 -6.78 -26.88 4.47
N GLN E 45 -7.72 -27.77 4.75
CA GLN E 45 -8.37 -27.84 6.05
C GLN E 45 -7.72 -28.95 6.86
N PRO E 46 -6.99 -28.61 7.92
CA PRO E 46 -6.45 -29.65 8.76
C PRO E 46 -7.54 -30.60 9.28
N THR E 47 -7.20 -31.88 9.38
CA THR E 47 -8.06 -32.84 10.04
C THR E 47 -7.92 -32.69 11.56
N GLU E 48 -8.88 -33.21 12.31
CA GLU E 48 -8.77 -33.23 13.78
C GLU E 48 -7.45 -33.87 14.19
N GLU E 49 -7.09 -34.96 13.51
CA GLU E 49 -5.90 -35.71 13.85
C GLU E 49 -4.63 -34.89 13.59
N GLN E 50 -4.63 -34.18 12.47
CA GLN E 50 -3.53 -33.26 12.16
C GLN E 50 -3.42 -32.13 13.17
N ALA E 51 -4.57 -31.66 13.66
CA ALA E 51 -4.57 -30.60 14.68
C ALA E 51 -4.05 -31.13 16.02
N LYS E 52 -4.47 -32.34 16.39
CA LYS E 52 -3.96 -32.97 17.60
C LYS E 52 -2.40 -32.98 17.59
N GLN E 53 -1.80 -33.43 16.50
CA GLN E 53 -0.32 -33.49 16.40
C GLN E 53 0.34 -32.10 16.44
N HIS E 54 -0.29 -31.12 15.82
CA HIS E 54 0.27 -29.78 15.72
C HIS E 54 0.41 -29.10 17.05
N TYR E 55 -0.55 -29.32 17.97
CA TYR E 55 -0.51 -28.77 19.36
C TYR E 55 -0.20 -29.86 20.41
N PHE E 63 -7.41 -26.64 26.72
CA PHE E 63 -6.87 -26.01 25.52
C PHE E 63 -6.59 -27.01 24.36
N TYR E 64 -6.30 -28.26 24.72
CA TYR E 64 -6.18 -29.40 23.77
C TYR E 64 -7.52 -29.91 23.19
N SER E 65 -8.65 -29.55 23.82
CA SER E 65 -9.96 -29.49 23.14
C SER E 65 -10.09 -28.27 22.20
N GLY E 66 -9.76 -27.10 22.73
CA GLY E 66 -10.06 -25.85 22.12
C GLY E 66 -9.19 -25.42 20.95
N LEU E 67 -7.87 -25.57 21.12
CA LEU E 67 -6.90 -25.26 20.05
C LEU E 67 -7.08 -26.24 18.88
N VAL E 68 -7.32 -27.52 19.19
CA VAL E 68 -7.61 -28.53 18.16
C VAL E 68 -8.84 -28.18 17.32
N SER E 69 -9.92 -27.82 17.99
CA SER E 69 -11.17 -27.53 17.32
C SER E 69 -11.04 -26.33 16.38
N TYR E 70 -10.41 -25.25 16.85
CA TYR E 70 -10.23 -24.05 16.03
C TYR E 70 -9.35 -24.33 14.81
N PHE E 71 -8.29 -25.12 15.01
CA PHE E 71 -7.32 -25.35 13.96
C PHE E 71 -7.86 -26.26 12.85
N SER E 72 -8.78 -27.17 13.20
CA SER E 72 -9.41 -28.05 12.20
C SER E 72 -10.77 -27.53 11.71
N SER E 73 -11.11 -26.28 12.03
CA SER E 73 -12.46 -25.74 11.80
C SER E 73 -12.60 -25.16 10.41
N GLY E 74 -11.47 -24.84 9.78
CA GLY E 74 -11.51 -24.17 8.48
C GLY E 74 -10.13 -24.19 7.88
N PRO E 75 -9.97 -23.58 6.71
CA PRO E 75 -8.76 -23.78 5.96
C PRO E 75 -7.61 -22.94 6.49
N ILE E 76 -6.40 -23.45 6.27
CA ILE E 76 -5.20 -22.71 6.46
C ILE E 76 -4.52 -22.63 5.07
N VAL E 77 -3.54 -21.73 4.91
CA VAL E 77 -2.67 -21.77 3.78
C VAL E 77 -1.29 -22.17 4.26
N GLY E 78 -0.77 -23.26 3.71
CA GLY E 78 0.55 -23.73 4.01
C GLY E 78 1.49 -23.29 2.93
N MET E 79 2.70 -22.88 3.33
CA MET E 79 3.68 -22.36 2.40
C MET E 79 5.08 -22.87 2.73
N VAL E 80 5.90 -23.04 1.70
CA VAL E 80 7.31 -23.30 1.90
C VAL E 80 8.06 -22.18 1.21
N TRP E 81 8.93 -21.49 1.95
CA TRP E 81 9.78 -20.39 1.42
C TRP E 81 11.24 -20.75 1.49
N GLU E 82 12.01 -20.30 0.49
CA GLU E 82 13.41 -20.62 0.38
C GLU E 82 14.26 -19.36 0.33
N GLY E 83 15.38 -19.36 1.04
CA GLY E 83 16.32 -18.25 1.02
C GLY E 83 17.33 -18.31 2.15
N LEU E 84 18.39 -17.52 2.04
CA LEU E 84 19.43 -17.47 3.07
C LEU E 84 18.78 -17.01 4.37
N GLY E 85 18.94 -17.80 5.44
CA GLY E 85 18.45 -17.44 6.76
C GLY E 85 16.92 -17.29 6.80
N VAL E 86 16.21 -17.98 5.92
CA VAL E 86 14.74 -17.83 5.80
C VAL E 86 13.95 -18.32 7.03
N VAL E 87 14.48 -19.29 7.77
CA VAL E 87 13.77 -19.75 8.98
C VAL E 87 13.66 -18.61 10.01
N LYS E 88 14.81 -18.05 10.39
CA LYS E 88 14.84 -16.91 11.30
C LYS E 88 14.17 -15.67 10.66
N GLY E 89 14.53 -15.38 9.41
CA GLY E 89 14.03 -14.21 8.73
C GLY E 89 12.50 -14.21 8.60
N GLY E 90 11.94 -15.39 8.30
CA GLY E 90 10.50 -15.55 8.19
C GLY E 90 9.80 -15.22 9.52
N ARG E 91 10.38 -15.68 10.60
CA ARG E 91 9.85 -15.33 11.91
C ARG E 91 9.96 -13.86 12.27
N VAL E 92 11.05 -13.20 11.89
CA VAL E 92 11.15 -11.76 12.06
C VAL E 92 10.00 -11.06 11.30
N LEU E 93 9.65 -11.53 10.10
CA LEU E 93 8.58 -10.91 9.32
C LEU E 93 7.24 -11.08 10.00
N LEU E 94 7.05 -12.24 10.62
CA LEU E 94 5.77 -12.53 11.29
C LEU E 94 5.61 -11.68 12.54
N GLY E 95 6.73 -11.39 13.21
CA GLY E 95 6.72 -10.66 14.46
C GLY E 95 6.65 -11.63 15.65
N ALA E 96 6.75 -11.12 16.87
CA ALA E 96 6.72 -11.96 18.07
C ALA E 96 5.48 -12.81 18.04
N THR E 97 5.62 -14.02 18.56
CA THR E 97 4.54 -15.01 18.62
C THR E 97 3.28 -14.47 19.36
N ASN E 98 3.52 -13.81 20.48
CA ASN E 98 2.47 -13.13 21.23
C ASN E 98 2.27 -11.72 20.70
N PRO E 99 1.12 -11.44 20.09
CA PRO E 99 0.92 -10.12 19.48
C PRO E 99 1.11 -8.93 20.41
N ALA E 100 0.88 -9.10 21.71
CA ALA E 100 1.20 -8.04 22.66
C ALA E 100 2.66 -7.57 22.49
N ASP E 101 3.56 -8.49 22.16
CA ASP E 101 4.99 -8.16 21.99
C ASP E 101 5.38 -7.82 20.56
N SER E 102 4.50 -8.02 19.61
CA SER E 102 4.82 -7.75 18.19
C SER E 102 4.87 -6.27 17.84
N LEU E 103 5.83 -5.91 17.01
CA LEU E 103 6.06 -4.50 16.69
C LEU E 103 5.36 -4.19 15.36
N PRO E 104 4.84 -2.97 15.23
CA PRO E 104 4.31 -2.55 13.93
C PRO E 104 5.35 -2.73 12.84
N GLY E 105 4.87 -3.05 11.64
CA GLY E 105 5.74 -3.45 10.55
C GLY E 105 5.79 -4.96 10.37
N THR E 106 5.56 -5.73 11.43
CA THR E 106 5.44 -7.16 11.29
C THR E 106 3.96 -7.52 11.07
N ILE E 107 3.74 -8.73 10.59
CA ILE E 107 2.39 -9.25 10.34
C ILE E 107 1.53 -9.22 11.61
N ARG E 108 2.03 -9.80 12.69
CA ARG E 108 1.28 -9.79 13.94
C ARG E 108 1.21 -8.42 14.58
N GLY E 109 2.25 -7.61 14.42
CA GLY E 109 2.22 -6.27 14.97
C GLY E 109 1.19 -5.40 14.26
N ASP E 110 1.02 -5.62 12.98
CA ASP E 110 0.05 -4.87 12.18
C ASP E 110 -1.40 -5.41 12.29
N PHE E 111 -1.55 -6.72 12.49
CA PHE E 111 -2.85 -7.35 12.26
C PHE E 111 -3.45 -8.20 13.40
N ALA E 112 -2.69 -8.51 14.45
CA ALA E 112 -3.19 -9.43 15.47
C ALA E 112 -3.14 -8.82 16.88
N VAL E 113 -4.08 -9.24 17.71
CA VAL E 113 -4.23 -8.74 19.07
C VAL E 113 -4.03 -9.83 20.10
N ASP E 114 -4.54 -11.02 19.82
CA ASP E 114 -4.68 -12.08 20.83
C ASP E 114 -3.79 -13.26 20.47
N VAL E 115 -3.03 -13.78 21.45
CA VAL E 115 -2.09 -14.89 21.18
C VAL E 115 -2.83 -16.11 20.66
N GLY E 116 -4.07 -16.32 21.09
CA GLY E 116 -4.88 -17.42 20.58
C GLY E 116 -5.42 -17.21 19.18
N ARG E 117 -5.28 -16.02 18.62
CA ARG E 117 -5.71 -15.71 17.26
C ARG E 117 -4.62 -14.87 16.60
N ASN E 118 -3.44 -15.48 16.46
CA ASN E 118 -2.23 -14.77 16.08
C ASN E 118 -1.86 -15.00 14.61
N VAL E 119 -2.87 -15.38 13.84
CA VAL E 119 -2.89 -15.14 12.40
C VAL E 119 -2.00 -16.02 11.54
N CYS E 120 -0.86 -16.43 12.09
CA CYS E 120 0.09 -17.16 11.30
C CYS E 120 1.07 -17.98 12.15
N HIS E 121 1.89 -18.77 11.46
CA HIS E 121 2.93 -19.57 12.09
C HIS E 121 4.12 -19.71 11.20
N GLY E 122 5.31 -19.76 11.82
CA GLY E 122 6.56 -20.04 11.11
C GLY E 122 7.41 -20.99 11.91
N SER E 123 8.13 -21.87 11.21
CA SER E 123 8.97 -22.87 11.89
C SER E 123 9.96 -22.14 12.76
N ASP E 124 10.26 -22.71 13.92
CA ASP E 124 11.13 -21.99 14.86
C ASP E 124 12.60 -22.37 14.72
N SER E 125 12.91 -23.35 13.87
CA SER E 125 14.32 -23.76 13.62
C SER E 125 14.45 -24.52 12.32
N VAL E 126 15.69 -24.76 11.90
CA VAL E 126 15.94 -25.47 10.65
C VAL E 126 15.42 -26.92 10.70
N GLU E 127 15.70 -27.60 11.83
CA GLU E 127 15.24 -28.99 12.03
C GLU E 127 13.69 -29.06 12.07
N SER E 128 13.05 -28.11 12.75
CA SER E 128 11.60 -28.17 12.90
C SER E 128 10.95 -27.73 11.57
N ALA E 129 11.61 -26.83 10.83
CA ALA E 129 11.17 -26.53 9.48
C ALA E 129 11.15 -27.80 8.58
N LYS E 130 12.23 -28.57 8.59
CA LYS E 130 12.27 -29.81 7.80
C LYS E 130 11.12 -30.74 8.18
N ARG E 131 10.87 -30.87 9.47
CA ARG E 131 9.79 -31.72 9.95
C ARG E 131 8.42 -31.18 9.52
N GLU E 132 8.22 -29.88 9.66
CA GLU E 132 6.93 -29.27 9.34
C GLU E 132 6.63 -29.33 7.83
N ILE E 133 7.65 -29.05 7.03
CA ILE E 133 7.54 -29.15 5.58
C ILE E 133 7.13 -30.59 5.19
N ALA E 134 7.85 -31.57 5.73
CA ALA E 134 7.57 -32.97 5.45
C ALA E 134 6.18 -33.39 5.92
N PHE E 135 5.73 -32.84 7.03
CA PHE E 135 4.41 -33.17 7.58
C PHE E 135 3.27 -32.63 6.71
N TRP E 136 3.41 -31.42 6.19
CA TRP E 136 2.33 -30.78 5.43
C TRP E 136 2.42 -30.95 3.94
N PHE E 137 3.61 -31.24 3.43
CA PHE E 137 3.81 -31.35 1.98
C PHE E 137 4.44 -32.67 1.61
N LYS E 138 3.91 -33.30 0.57
CA LYS E 138 4.58 -34.43 -0.07
C LYS E 138 5.71 -33.82 -0.88
N ALA E 139 6.84 -34.53 -0.98
CA ALA E 139 8.01 -34.05 -1.74
C ALA E 139 7.63 -33.56 -3.16
N GLU E 140 6.74 -34.30 -3.83
CA GLU E 140 6.34 -34.00 -5.19
C GLU E 140 5.55 -32.69 -5.29
N GLU E 141 5.10 -32.15 -4.15
CA GLU E 141 4.35 -30.89 -4.17
C GLU E 141 5.24 -29.66 -4.10
N LEU E 142 6.54 -29.84 -3.84
CA LEU E 142 7.42 -28.68 -3.76
C LEU E 142 8.01 -28.47 -5.13
N VAL E 143 8.19 -27.22 -5.53
CA VAL E 143 8.68 -26.90 -6.85
C VAL E 143 10.03 -26.20 -6.76
N SER E 144 11.03 -26.77 -7.42
CA SER E 144 12.34 -26.15 -7.52
C SER E 144 12.41 -25.31 -8.79
N TRP E 145 12.73 -24.03 -8.60
CA TRP E 145 12.98 -23.14 -9.71
C TRP E 145 13.95 -22.08 -9.27
N THR E 146 14.42 -21.31 -10.22
CA THR E 146 15.40 -20.28 -10.03
C THR E 146 14.75 -18.92 -10.30
N SER E 147 14.87 -18.01 -9.36
CA SER E 147 14.41 -16.66 -9.54
C SER E 147 15.35 -15.94 -10.45
N HIS E 148 14.79 -15.22 -11.42
CA HIS E 148 15.59 -14.42 -12.31
C HIS E 148 16.27 -13.27 -11.58
N SER E 149 15.95 -13.06 -10.31
CA SER E 149 16.57 -11.95 -9.51
C SER E 149 17.66 -12.41 -8.54
N VAL E 150 18.03 -13.68 -8.62
CA VAL E 150 18.97 -14.23 -7.63
C VAL E 150 20.27 -13.41 -7.52
N LYS E 151 20.80 -12.94 -8.65
CA LYS E 151 22.07 -12.18 -8.65
C LYS E 151 21.88 -10.77 -8.07
N GLN E 152 20.65 -10.30 -8.01
CA GLN E 152 20.33 -8.98 -7.43
C GLN E 152 20.14 -9.07 -5.92
N ILE E 153 19.79 -10.27 -5.44
CA ILE E 153 19.49 -10.49 -4.05
C ILE E 153 20.70 -10.99 -3.31
N TYR E 154 21.53 -11.81 -3.98
CA TYR E 154 22.70 -12.41 -3.35
C TYR E 154 23.96 -11.95 -4.07
N GLU E 155 24.95 -11.54 -3.30
CA GLU E 155 26.28 -11.17 -3.79
C GLU E 155 27.16 -12.32 -4.31
N ARG E 156 27.64 -12.18 -5.54
CA ARG E 156 28.57 -13.13 -6.14
C ARG E 156 29.94 -12.68 -5.76
N ALA E 157 30.75 -13.61 -5.27
CA ALA E 157 32.21 -13.42 -4.99
C ALA E 157 33.04 -12.85 -6.17
N SER F 7 -21.32 -18.46 -5.14
CA SER F 7 -21.39 -19.96 -5.41
C SER F 7 -20.74 -20.42 -6.74
N GLU F 8 -20.98 -19.60 -7.75
CA GLU F 8 -20.13 -19.58 -8.93
C GLU F 8 -18.62 -19.59 -8.58
N ARG F 9 -17.84 -20.27 -9.40
CA ARG F 9 -16.41 -20.42 -9.19
C ARG F 9 -15.63 -20.16 -10.47
N THR F 10 -14.41 -19.63 -10.34
CA THR F 10 -13.55 -19.41 -11.49
C THR F 10 -12.10 -19.82 -11.19
N PHE F 11 -11.33 -20.00 -12.25
CA PHE F 11 -9.93 -20.35 -12.15
C PHE F 11 -9.12 -19.13 -12.48
N ILE F 12 -8.23 -18.77 -11.55
CA ILE F 12 -7.25 -17.69 -11.76
C ILE F 12 -5.87 -18.26 -11.60
N ALA F 13 -4.96 -17.88 -12.50
CA ALA F 13 -3.58 -18.36 -12.46
C ALA F 13 -2.63 -17.15 -12.49
N VAL F 14 -1.54 -17.23 -11.72
CA VAL F 14 -0.40 -16.31 -11.89
C VAL F 14 0.55 -17.07 -12.76
N LYS F 15 0.78 -16.54 -13.95
CA LYS F 15 1.65 -17.21 -14.91
C LYS F 15 3.11 -17.08 -14.43
N PRO F 16 4.04 -17.73 -15.11
CA PRO F 16 5.39 -17.76 -14.60
C PRO F 16 6.04 -16.38 -14.50
N ASP F 17 5.74 -15.47 -15.42
CA ASP F 17 6.27 -14.10 -15.35
C ASP F 17 5.75 -13.39 -14.12
N GLY F 18 4.50 -13.67 -13.78
CA GLY F 18 3.90 -13.09 -12.59
C GLY F 18 4.59 -13.57 -11.35
N VAL F 19 4.92 -14.88 -11.31
CA VAL F 19 5.54 -15.46 -10.12
C VAL F 19 6.97 -14.92 -10.02
N GLN F 20 7.66 -14.86 -11.14
CA GLN F 20 9.03 -14.36 -11.20
C GLN F 20 9.09 -12.90 -10.74
N ARG F 21 8.05 -12.14 -11.09
CA ARG F 21 8.04 -10.70 -10.79
C ARG F 21 7.33 -10.38 -9.48
N ASN F 22 7.13 -11.39 -8.63
CA ASN F 22 6.65 -11.18 -7.27
C ASN F 22 5.27 -10.56 -7.20
N LEU F 23 4.35 -11.06 -8.00
CA LEU F 23 3.00 -10.55 -8.02
C LEU F 23 1.97 -11.48 -7.42
N VAL F 24 2.41 -12.58 -6.80
CA VAL F 24 1.43 -13.57 -6.30
C VAL F 24 0.59 -12.98 -5.15
N GLY F 25 1.27 -12.43 -4.17
CA GLY F 25 0.59 -11.84 -3.03
C GLY F 25 -0.34 -10.71 -3.46
N GLU F 26 0.18 -9.84 -4.34
CA GLU F 26 -0.56 -8.70 -4.78
C GLU F 26 -1.87 -9.16 -5.46
N ILE F 27 -1.82 -10.23 -6.25
CA ILE F 27 -3.00 -10.70 -6.99
C ILE F 27 -4.01 -11.31 -6.02
N ILE F 28 -3.52 -12.12 -5.09
CA ILE F 28 -4.39 -12.74 -4.12
C ILE F 28 -5.11 -11.65 -3.30
N LYS F 29 -4.36 -10.63 -2.91
CA LYS F 29 -4.87 -9.55 -2.06
C LYS F 29 -6.08 -8.87 -2.71
N ARG F 30 -5.99 -8.65 -4.01
CA ARG F 30 -7.02 -7.94 -4.70
C ARG F 30 -8.32 -8.73 -4.75
N PHE F 31 -8.19 -10.06 -4.86
CA PHE F 31 -9.35 -10.91 -4.87
C PHE F 31 -9.96 -10.97 -3.46
N GLU F 32 -9.11 -11.08 -2.45
CA GLU F 32 -9.55 -11.06 -1.06
C GLU F 32 -10.25 -9.76 -0.73
N ASN F 33 -9.66 -8.65 -1.15
CA ASN F 33 -10.21 -7.34 -0.85
C ASN F 33 -11.57 -7.15 -1.49
N LYS F 34 -11.72 -7.69 -2.69
CA LYS F 34 -12.98 -7.58 -3.42
C LYS F 34 -14.13 -8.29 -2.71
N GLY F 35 -13.83 -9.33 -1.93
CA GLY F 35 -14.87 -10.06 -1.21
C GLY F 35 -15.04 -11.49 -1.71
N TYR F 36 -14.21 -11.88 -2.67
CA TYR F 36 -14.26 -13.22 -3.18
C TYR F 36 -13.60 -14.20 -2.20
N LYS F 37 -13.99 -15.47 -2.28
CA LYS F 37 -13.58 -16.47 -1.33
C LYS F 37 -12.63 -17.49 -1.97
N LEU F 38 -11.46 -17.69 -1.35
CA LEU F 38 -10.42 -18.61 -1.87
C LEU F 38 -10.76 -20.06 -1.49
N VAL F 39 -11.03 -20.90 -2.47
CA VAL F 39 -11.45 -22.30 -2.19
C VAL F 39 -10.48 -23.30 -2.78
N GLY F 40 -9.50 -22.82 -3.54
CA GLY F 40 -8.42 -23.68 -4.01
C GLY F 40 -7.16 -22.86 -4.27
N LEU F 41 -6.00 -23.39 -3.90
CA LEU F 41 -4.75 -22.68 -4.05
C LEU F 41 -3.60 -23.65 -4.07
N LYS F 42 -2.72 -23.51 -5.05
CA LYS F 42 -1.59 -24.40 -5.11
C LYS F 42 -0.53 -23.86 -6.12
N LEU F 43 0.71 -24.08 -5.75
CA LEU F 43 1.85 -23.75 -6.60
C LEU F 43 2.06 -24.99 -7.38
N LEU F 44 2.12 -24.89 -8.68
CA LEU F 44 2.10 -26.12 -9.39
C LEU F 44 3.05 -26.14 -10.58
N GLN F 45 3.43 -27.36 -10.97
CA GLN F 45 4.08 -27.61 -12.25
C GLN F 45 3.18 -28.63 -13.01
N PRO F 46 2.88 -28.32 -14.27
CA PRO F 46 2.12 -29.32 -15.05
C PRO F 46 2.79 -30.68 -15.04
N THR F 47 1.99 -31.73 -15.01
CA THR F 47 2.50 -33.08 -15.22
C THR F 47 2.74 -33.33 -16.72
N GLU F 48 3.52 -34.36 -17.05
CA GLU F 48 3.71 -34.77 -18.44
C GLU F 48 2.32 -35.03 -19.09
N GLU F 49 1.41 -35.67 -18.34
CA GLU F 49 0.09 -36.04 -18.86
C GLU F 49 -0.75 -34.77 -19.11
N GLN F 50 -0.66 -33.80 -18.22
CA GLN F 50 -1.32 -32.51 -18.42
C GLN F 50 -0.79 -31.77 -19.65
N ALA F 51 0.52 -31.86 -19.88
CA ALA F 51 1.10 -31.18 -21.02
C ALA F 51 0.65 -31.86 -22.31
N LYS F 52 0.66 -33.19 -22.34
CA LYS F 52 0.25 -33.91 -23.53
C LYS F 52 -1.17 -33.47 -23.91
N GLN F 53 -2.08 -33.46 -22.95
CA GLN F 53 -3.49 -33.13 -23.22
C GLN F 53 -3.66 -31.63 -23.62
N HIS F 54 -2.83 -30.72 -23.08
CA HIS F 54 -2.83 -29.30 -23.47
C HIS F 54 -2.37 -29.14 -24.89
N TYR F 55 -1.30 -29.85 -25.18
CA TYR F 55 -0.73 -29.81 -26.49
C TYR F 55 -1.73 -30.29 -27.52
N ILE F 56 -2.42 -31.38 -27.21
CA ILE F 56 -3.45 -31.90 -28.11
C ILE F 56 -4.58 -30.90 -28.25
N ASP F 57 -4.99 -30.32 -27.12
CA ASP F 57 -6.15 -29.45 -27.14
C ASP F 57 -5.92 -28.15 -27.93
N LEU F 58 -4.67 -27.71 -28.09
CA LEU F 58 -4.41 -26.46 -28.80
C LEU F 58 -4.80 -26.57 -30.25
N ALA F 59 -4.98 -27.80 -30.76
CA ALA F 59 -5.44 -27.96 -32.13
C ALA F 59 -6.97 -27.84 -32.28
N SER F 60 -7.62 -27.33 -31.24
CA SER F 60 -8.95 -26.68 -31.32
C SER F 60 -8.89 -25.15 -31.08
N GLY F 74 7.25 -23.16 -15.88
CA GLY F 74 6.58 -22.90 -14.60
C GLY F 74 7.48 -22.12 -13.68
N PRO F 75 7.09 -21.94 -12.43
CA PRO F 75 5.87 -22.33 -11.77
C PRO F 75 4.76 -21.34 -12.05
N ILE F 76 3.53 -21.84 -11.95
CA ILE F 76 2.39 -20.98 -11.91
C ILE F 76 1.70 -21.19 -10.55
N VAL F 77 0.90 -20.23 -10.12
CA VAL F 77 0.06 -20.40 -8.97
C VAL F 77 -1.36 -20.53 -9.50
N GLY F 78 -1.99 -21.64 -9.18
CA GLY F 78 -3.37 -21.90 -9.57
C GLY F 78 -4.29 -21.60 -8.40
N MET F 79 -5.42 -20.98 -8.70
CA MET F 79 -6.38 -20.58 -7.67
C MET F 79 -7.78 -20.88 -8.14
N VAL F 80 -8.64 -21.21 -7.18
CA VAL F 80 -10.06 -21.23 -7.44
C VAL F 80 -10.72 -20.20 -6.49
N TRP F 81 -11.52 -19.30 -7.06
CA TRP F 81 -12.26 -18.29 -6.30
C TRP F 81 -13.76 -18.46 -6.45
N GLU F 82 -14.48 -18.19 -5.36
CA GLU F 82 -15.92 -18.33 -5.34
C GLU F 82 -16.59 -17.02 -4.98
N GLY F 83 -17.70 -16.74 -5.66
CA GLY F 83 -18.50 -15.55 -5.36
C GLY F 83 -19.49 -15.24 -6.46
N LEU F 84 -20.44 -14.36 -6.15
CA LEU F 84 -21.42 -13.90 -7.14
C LEU F 84 -20.68 -13.24 -8.30
N GLY F 85 -20.93 -13.73 -9.52
CA GLY F 85 -20.37 -13.13 -10.73
C GLY F 85 -18.85 -13.16 -10.77
N VAL F 86 -18.23 -14.12 -10.06
CA VAL F 86 -16.78 -14.15 -9.95
C VAL F 86 -16.04 -14.42 -11.29
N VAL F 87 -16.64 -15.14 -12.25
CA VAL F 87 -15.95 -15.39 -13.52
C VAL F 87 -15.70 -14.08 -14.25
N LYS F 88 -16.77 -13.30 -14.48
CA LYS F 88 -16.62 -11.96 -15.11
C LYS F 88 -15.86 -11.00 -14.18
N GLY F 89 -16.22 -10.98 -12.89
CA GLY F 89 -15.61 -10.07 -11.92
C GLY F 89 -14.11 -10.27 -11.79
N GLY F 90 -13.68 -11.53 -11.81
CA GLY F 90 -12.26 -11.87 -11.71
C GLY F 90 -11.52 -11.29 -12.90
N ARG F 91 -12.11 -11.40 -14.06
CA ARG F 91 -11.49 -10.86 -15.27
C ARG F 91 -11.45 -9.37 -15.26
N VAL F 92 -12.49 -8.72 -14.72
CA VAL F 92 -12.45 -7.25 -14.57
C VAL F 92 -11.25 -6.87 -13.65
N LEU F 93 -10.98 -7.64 -12.60
CA LEU F 93 -9.84 -7.34 -11.72
C LEU F 93 -8.50 -7.53 -12.41
N LEU F 94 -8.44 -8.50 -13.32
CA LEU F 94 -7.19 -8.76 -14.05
C LEU F 94 -6.95 -7.68 -15.08
N GLY F 95 -8.00 -7.14 -15.64
CA GLY F 95 -7.88 -6.12 -16.68
C GLY F 95 -7.86 -6.77 -18.04
N ALA F 96 -7.91 -5.97 -19.11
CA ALA F 96 -7.95 -6.54 -20.46
C ALA F 96 -6.75 -7.46 -20.69
N THR F 97 -6.98 -8.50 -21.47
CA THR F 97 -6.00 -9.53 -21.75
C THR F 97 -4.70 -8.95 -22.32
N ASN F 98 -4.85 -8.02 -23.26
CA ASN F 98 -3.75 -7.30 -23.82
C ASN F 98 -3.43 -6.08 -22.94
N PRO F 99 -2.25 -6.06 -22.31
CA PRO F 99 -1.95 -4.96 -21.37
C PRO F 99 -2.01 -3.57 -21.97
N ALA F 100 -1.76 -3.45 -23.27
CA ALA F 100 -1.90 -2.19 -23.94
C ALA F 100 -3.31 -1.60 -23.68
N ASP F 101 -4.33 -2.46 -23.59
CA ASP F 101 -5.71 -2.03 -23.35
C ASP F 101 -6.14 -2.01 -21.91
N SER F 102 -5.30 -2.50 -21.02
CA SER F 102 -5.65 -2.58 -19.58
C SER F 102 -5.60 -1.22 -18.92
N LEU F 103 -6.55 -0.96 -18.04
CA LEU F 103 -6.63 0.34 -17.37
C LEU F 103 -5.93 0.24 -15.99
N PRO F 104 -5.22 1.33 -15.60
CA PRO F 104 -4.71 1.38 -14.24
C PRO F 104 -5.80 1.04 -13.23
N GLY F 105 -5.37 0.41 -12.14
CA GLY F 105 -6.26 -0.14 -11.15
C GLY F 105 -6.46 -1.62 -11.33
N THR F 106 -6.27 -2.13 -12.54
CA THR F 106 -6.32 -3.57 -12.75
C THR F 106 -4.88 -4.13 -12.64
N ILE F 107 -4.79 -5.45 -12.49
CA ILE F 107 -3.52 -6.12 -12.35
C ILE F 107 -2.63 -5.87 -13.56
N ARG F 108 -3.15 -6.12 -14.74
CA ARG F 108 -2.37 -5.91 -15.93
C ARG F 108 -2.18 -4.45 -16.25
N GLY F 109 -3.14 -3.61 -15.92
CA GLY F 109 -2.98 -2.17 -16.14
C GLY F 109 -1.87 -1.61 -15.27
N ASP F 110 -1.74 -2.16 -14.07
CA ASP F 110 -0.73 -1.69 -13.11
C ASP F 110 0.64 -2.34 -13.35
N PHE F 111 0.66 -3.58 -13.84
CA PHE F 111 1.90 -4.38 -13.77
C PHE F 111 2.44 -4.98 -15.08
N ALA F 112 1.68 -4.96 -16.17
CA ALA F 112 2.14 -5.60 -17.42
C ALA F 112 2.22 -4.64 -18.60
N VAL F 113 3.13 -4.94 -19.51
CA VAL F 113 3.30 -4.20 -20.75
C VAL F 113 2.99 -5.01 -22.01
N ASP F 114 3.33 -6.29 -22.01
CA ASP F 114 3.38 -7.09 -23.23
C ASP F 114 2.38 -8.21 -23.14
N VAL F 115 1.58 -8.41 -24.19
CA VAL F 115 0.57 -9.47 -24.20
C VAL F 115 1.18 -10.84 -23.98
N GLY F 116 2.40 -11.06 -24.47
CA GLY F 116 3.10 -12.32 -24.24
C GLY F 116 3.63 -12.52 -22.82
N ARG F 117 3.58 -11.46 -22.00
CA ARG F 117 4.02 -11.52 -20.59
C ARG F 117 2.99 -10.78 -19.76
N ASN F 118 1.77 -11.31 -19.76
CA ASN F 118 0.61 -10.60 -19.22
C ASN F 118 0.19 -11.15 -17.85
N VAL F 119 1.11 -11.83 -17.19
CA VAL F 119 1.14 -11.94 -15.74
C VAL F 119 0.18 -12.91 -15.13
N CYS F 120 -1.00 -13.03 -15.71
CA CYS F 120 -2.03 -13.84 -15.12
C CYS F 120 -3.05 -14.34 -16.12
N HIS F 121 -3.98 -15.16 -15.63
CA HIS F 121 -5.08 -15.69 -16.44
C HIS F 121 -6.31 -15.91 -15.60
N GLY F 122 -7.47 -15.65 -16.19
CA GLY F 122 -8.73 -15.98 -15.59
C GLY F 122 -9.65 -16.66 -16.60
N SER F 123 -10.46 -17.60 -16.14
CA SER F 123 -11.38 -18.29 -17.03
C SER F 123 -12.28 -17.25 -17.74
N ASP F 124 -12.59 -17.50 -19.00
CA ASP F 124 -13.35 -16.53 -19.79
C ASP F 124 -14.85 -16.76 -19.76
N SER F 125 -15.30 -17.84 -19.13
CA SER F 125 -16.73 -18.13 -19.03
C SER F 125 -16.99 -19.17 -17.95
N VAL F 126 -18.26 -19.36 -17.64
CA VAL F 126 -18.63 -20.29 -16.58
C VAL F 126 -18.25 -21.74 -16.96
N GLU F 127 -18.55 -22.12 -18.21
CA GLU F 127 -18.23 -23.44 -18.72
C GLU F 127 -16.73 -23.68 -18.75
N SER F 128 -15.96 -22.69 -19.19
CA SER F 128 -14.53 -22.88 -19.28
C SER F 128 -13.91 -22.85 -17.87
N ALA F 129 -14.52 -22.11 -16.96
CA ALA F 129 -14.10 -22.15 -15.57
C ALA F 129 -14.23 -23.56 -15.00
N LYS F 130 -15.37 -24.19 -15.22
CA LYS F 130 -15.58 -25.57 -14.74
C LYS F 130 -14.52 -26.51 -15.29
N ARG F 131 -14.23 -26.38 -16.58
CA ARG F 131 -13.24 -27.22 -17.22
C ARG F 131 -11.83 -26.95 -16.67
N GLU F 132 -11.48 -25.67 -16.48
CA GLU F 132 -10.13 -25.32 -16.02
C GLU F 132 -9.90 -25.78 -14.56
N ILE F 133 -10.89 -25.55 -13.71
CA ILE F 133 -10.86 -25.97 -12.33
C ILE F 133 -10.65 -27.48 -12.28
N ALA F 134 -11.45 -28.21 -13.04
CA ALA F 134 -11.39 -29.67 -13.07
C ALA F 134 -10.04 -30.16 -13.58
N PHE F 135 -9.47 -29.44 -14.52
CA PHE F 135 -8.21 -29.82 -15.12
C PHE F 135 -7.05 -29.67 -14.13
N TRP F 136 -7.04 -28.59 -13.37
CA TRP F 136 -5.92 -28.29 -12.48
C TRP F 136 -6.10 -28.80 -11.08
N PHE F 137 -7.35 -29.00 -10.64
CA PHE F 137 -7.62 -29.37 -9.26
C PHE F 137 -8.46 -30.66 -9.18
N LYS F 138 -8.02 -31.60 -8.33
CA LYS F 138 -8.86 -32.75 -7.96
C LYS F 138 -9.91 -32.20 -6.99
N ALA F 139 -11.10 -32.78 -7.05
CA ALA F 139 -12.23 -32.36 -6.18
C ALA F 139 -11.81 -32.25 -4.69
N GLU F 140 -11.03 -33.21 -4.21
CA GLU F 140 -10.60 -33.21 -2.80
C GLU F 140 -9.61 -32.10 -2.47
N GLU F 141 -9.07 -31.42 -3.48
CA GLU F 141 -8.18 -30.28 -3.21
C GLU F 141 -8.90 -28.95 -3.03
N LEU F 142 -10.19 -28.89 -3.31
CA LEU F 142 -10.95 -27.66 -3.10
C LEU F 142 -11.54 -27.70 -1.69
N VAL F 143 -11.61 -26.57 -1.04
CA VAL F 143 -12.15 -26.53 0.31
C VAL F 143 -13.43 -25.72 0.34
N SER F 144 -14.48 -26.33 0.85
CA SER F 144 -15.74 -25.64 1.05
C SER F 144 -15.83 -25.12 2.46
N TRP F 145 -16.00 -23.82 2.60
CA TRP F 145 -16.09 -23.20 3.89
C TRP F 145 -16.89 -21.95 3.75
N THR F 146 -17.26 -21.38 4.90
CA THR F 146 -18.10 -20.21 4.96
C THR F 146 -17.32 -19.08 5.56
N SER F 147 -17.26 -17.98 4.84
CA SER F 147 -16.60 -16.78 5.35
C SER F 147 -17.44 -16.21 6.44
N HIS F 148 -16.80 -15.82 7.54
CA HIS F 148 -17.50 -15.15 8.62
C HIS F 148 -18.05 -13.81 8.21
N SER F 149 -17.69 -13.33 7.01
CA SER F 149 -18.15 -12.02 6.48
C SER F 149 -19.24 -12.13 5.40
N VAL F 150 -19.77 -13.34 5.20
CA VAL F 150 -20.75 -13.58 4.10
C VAL F 150 -21.96 -12.63 4.19
N LYS F 151 -22.49 -12.39 5.38
CA LYS F 151 -23.69 -11.55 5.55
C LYS F 151 -23.32 -10.03 5.36
N GLN F 152 -22.04 -9.72 5.43
CA GLN F 152 -21.57 -8.33 5.22
C GLN F 152 -21.32 -8.08 3.73
N ILE F 153 -21.07 -9.13 2.98
CA ILE F 153 -20.78 -9.03 1.55
C ILE F 153 -22.04 -9.22 0.72
N TYR F 154 -22.93 -10.12 1.15
CA TYR F 154 -24.14 -10.47 0.40
C TYR F 154 -25.40 -10.19 1.19
N GLU F 155 -26.35 -9.53 0.56
CA GLU F 155 -27.67 -9.34 1.12
C GLU F 155 -28.39 -10.68 1.08
#